data_5ISZ
#
_entry.id   5ISZ
#
_cell.length_a   63.810
_cell.length_b   75.460
_cell.length_c   121.200
_cell.angle_alpha   90.00
_cell.angle_beta   98.01
_cell.angle_gamma   90.00
#
_symmetry.space_group_name_H-M   'P 1 21 1'
#
loop_
_entity.id
_entity.type
_entity.pdbx_description
1 polymer 'HLA class I histocompatibility antigen, A-2 alpha chain'
2 polymer Beta-2-microglobulin
3 polymer 'influenza M1 for peptide'
4 polymer 'TCRalpha chain'
5 polymer 'TCRbeta chain'
6 non-polymer GLYCEROL
7 water water
#
loop_
_entity_poly.entity_id
_entity_poly.type
_entity_poly.pdbx_seq_one_letter_code
_entity_poly.pdbx_strand_id
1 'polypeptide(L)'
;GSHSMRYFFTSVSRPGRGEPRFIAVGYVDDTQFVRFDSDAASQRMEPRAPWIEQEGPEYWDGETRKVKAHSQTHRVDLGT
LRGYYNQSEAGSHTVQRMYGCDVGSDWRFLRGYHQYAYDGKDYIALKEDLRSWTAADMAAQTTKHKWEAAHVAEQLRAYL
EGTCVEWLRRYLENGKETLQRTDAPKTHMTHHAVSDHEATLRCWALSFYPAEITLTWQRDGEDQTQDTELVETRPAGDGT
FQKWAAVVVPSGQEQRYTCHVQHEGLPKPLTLRWE
;
A
2 'polypeptide(L)'
;QRTPKIQVYSRHPAENGKSNFLNCYVSGFHPSDIEVDLLKNGERIEKVEHSDLSFSKDWSFYLLYYTEFTPTEKDEYACR
VNHVTLSQPKIVKWDRDM
;
B
3 'polypeptide(L)' GILGFVFTL C
4 'polypeptide(L)'
;LNVEQSPQSLHVQEGDSTNFTCSFPSSNFYALHWYRWETAKSPEALFVMTLNGDEKKKGRISATLNTKEGYSYLYIKGSQ
PEDSATYLCAFDTNAGKSTFGDGTTLTVKPNIQNPDPAVYQLRDSASSAKSVCLFTDFDSQTNVSQSKDDVYITDKCVLD
MRSMDFKSNSAVAWSNKSDFACANAFNNSIIPEDTFFPSP
;
D
5 'polypeptide(L)'
;IGGITQSPKYLFRKEGQNVTLSCEQNLNHDAMYWYRQDPGQGLRLIYYSQIVNDFQKGDIAAGYSVSREKKESFPLTVTS
AQKNPTAFYLCASSIFGQREQYFGPGTRLTVTEDLKNVFPPEVAVFEPSEAEISHTQKATLVCLATGFYPDHVELSWWVN
GKEVHSGVCTDPQPLKEQPALNDSRYALSSRLRVSATFWQNPRNHFRCQVQFYGLSENDEWTQDRAKPVTQIVSAEAWGR
A
;
E
#
# COMPACT_ATOMS: atom_id res chain seq x y z
N GLY A 1 21.45 2.87 -30.15
CA GLY A 1 22.13 1.91 -29.22
C GLY A 1 21.22 1.52 -28.08
N SER A 2 21.79 0.92 -27.05
CA SER A 2 21.06 0.57 -25.84
C SER A 2 20.99 1.76 -24.89
N HIS A 3 20.03 1.70 -23.97
CA HIS A 3 19.83 2.77 -23.00
C HIS A 3 19.48 2.15 -21.64
N SER A 4 19.46 2.99 -20.62
CA SER A 4 19.21 2.53 -19.27
C SER A 4 18.64 3.66 -18.44
N MET A 5 17.85 3.29 -17.43
CA MET A 5 17.42 4.21 -16.39
C MET A 5 17.79 3.61 -15.05
N ARG A 6 18.43 4.40 -14.20
CA ARG A 6 18.93 3.93 -12.91
C ARG A 6 18.64 4.97 -11.85
N TYR A 7 18.16 4.50 -10.71
CA TYR A 7 17.98 5.31 -9.51
C TYR A 7 18.92 4.81 -8.42
N PHE A 8 19.54 5.76 -7.73
CA PHE A 8 20.57 5.51 -6.72
C PHE A 8 20.13 6.17 -5.42
N PHE A 9 20.12 5.41 -4.33
CA PHE A 9 19.69 5.90 -3.03
C PHE A 9 20.79 5.65 -2.00
N THR A 10 21.13 6.68 -1.22
CA THR A 10 22.13 6.57 -0.17
C THR A 10 21.57 7.11 1.14
N SER A 11 21.65 6.33 2.21
CA SER A 11 21.23 6.76 3.54
C SER A 11 22.36 6.54 4.52
N VAL A 12 22.76 7.60 5.23
CA VAL A 12 23.91 7.58 6.14
C VAL A 12 23.46 7.98 7.53
N SER A 13 23.68 7.11 8.50
CA SER A 13 23.40 7.47 9.88
C SER A 13 24.51 8.37 10.39
N ARG A 14 24.15 9.25 11.33
CA ARG A 14 25.12 10.18 11.91
C ARG A 14 24.92 10.24 13.42
N PRO A 15 25.60 9.37 14.18
CA PRO A 15 25.35 9.29 15.62
C PRO A 15 25.56 10.62 16.31
N GLY A 16 24.56 11.00 17.12
CA GLY A 16 24.65 12.22 17.89
C GLY A 16 24.31 13.48 17.12
N ARG A 17 23.85 13.35 15.88
CA ARG A 17 23.60 14.50 15.03
C ARG A 17 22.27 14.40 14.30
N GLY A 18 21.32 13.64 14.85
CA GLY A 18 19.97 13.59 14.32
C GLY A 18 19.74 12.42 13.37
N GLU A 19 18.68 12.55 12.58
CA GLU A 19 18.24 11.49 11.68
C GLU A 19 19.22 11.32 10.52
N PRO A 20 19.26 10.15 9.90
CA PRO A 20 20.21 9.91 8.81
C PRO A 20 19.97 10.86 7.64
N ARG A 21 21.03 11.07 6.87
CA ARG A 21 20.91 11.86 5.66
C ARG A 21 20.60 10.92 4.50
N PHE A 22 19.60 11.30 3.71
CA PHE A 22 19.13 10.50 2.58
C PHE A 22 19.31 11.34 1.32
N ILE A 23 19.94 10.77 0.31
CA ILE A 23 20.09 11.42 -0.99
C ILE A 23 19.69 10.44 -2.07
N ALA A 24 18.85 10.88 -2.99
CA ALA A 24 18.44 10.07 -4.12
C ALA A 24 18.73 10.83 -5.40
N VAL A 25 19.15 10.09 -6.43
CA VAL A 25 19.40 10.67 -7.75
C VAL A 25 18.99 9.67 -8.81
N GLY A 26 18.55 10.19 -9.95
CA GLY A 26 18.16 9.36 -11.07
C GLY A 26 18.89 9.74 -12.34
N TYR A 27 19.21 8.72 -13.15
CA TYR A 27 19.96 8.86 -14.39
C TYR A 27 19.22 8.19 -15.54
N VAL A 28 19.29 8.80 -16.71
CA VAL A 28 19.13 8.11 -17.98
C VAL A 28 20.50 8.06 -18.64
N ASP A 29 20.99 6.84 -18.89
CA ASP A 29 22.34 6.67 -19.39
C ASP A 29 23.30 7.43 -18.48
N ASP A 30 24.10 8.34 -19.03
CA ASP A 30 25.08 9.08 -18.25
C ASP A 30 24.61 10.50 -17.94
N THR A 31 23.30 10.75 -18.03
CA THR A 31 22.72 12.08 -17.81
C THR A 31 21.83 12.05 -16.57
N GLN A 32 22.23 12.76 -15.52
CA GLN A 32 21.38 12.88 -14.36
C GLN A 32 20.16 13.74 -14.68
N PHE A 33 19.03 13.43 -14.04
CA PHE A 33 17.83 14.22 -14.29
C PHE A 33 16.97 14.55 -13.09
N VAL A 34 17.12 13.90 -11.93
CA VAL A 34 16.42 14.31 -10.71
C VAL A 34 17.28 14.04 -9.49
N ARG A 35 16.92 14.70 -8.37
CA ARG A 35 17.56 14.48 -7.07
C ARG A 35 16.56 14.74 -5.95
N PHE A 36 16.83 14.14 -4.79
CA PHE A 36 16.18 14.48 -3.53
C PHE A 36 17.23 14.44 -2.43
N ASP A 37 17.21 15.45 -1.55
CA ASP A 37 18.12 15.52 -0.40
C ASP A 37 17.29 15.76 0.85
N SER A 38 17.32 14.81 1.80
CA SER A 38 16.49 14.95 2.98
C SER A 38 16.87 16.18 3.81
N ASP A 39 18.10 16.70 3.65
CA ASP A 39 18.56 17.84 4.44
C ASP A 39 18.25 19.18 3.78
N ALA A 40 17.88 19.20 2.51
CA ALA A 40 17.60 20.45 1.82
C ALA A 40 16.27 21.01 2.29
N ALA A 41 16.07 22.31 2.03
CA ALA A 41 14.89 23.00 2.51
C ALA A 41 13.64 22.64 1.71
N SER A 42 13.79 22.28 0.42
CA SER A 42 12.62 22.17 -0.45
C SER A 42 11.74 20.98 -0.06
N GLN A 43 12.35 19.87 0.33
CA GLN A 43 11.62 18.64 0.65
C GLN A 43 10.85 18.14 -0.57
N ARG A 44 11.44 18.33 -1.74
CA ARG A 44 10.83 17.91 -2.99
C ARG A 44 11.84 17.23 -3.88
N MET A 45 11.36 16.29 -4.67
CA MET A 45 12.12 15.85 -5.84
C MET A 45 12.29 17.04 -6.77
N GLU A 46 13.52 17.26 -7.24
CA GLU A 46 13.86 18.45 -8.02
C GLU A 46 14.49 18.06 -9.35
N PRO A 47 14.27 18.85 -10.39
CA PRO A 47 14.87 18.53 -11.69
C PRO A 47 16.35 18.85 -11.71
N ARG A 48 17.11 18.02 -12.43
CA ARG A 48 18.52 18.31 -12.66
C ARG A 48 18.90 18.24 -14.14
N ALA A 49 17.93 18.25 -15.04
CA ALA A 49 18.19 18.36 -16.47
C ALA A 49 17.05 19.17 -17.09
N PRO A 50 17.34 20.02 -18.06
CA PRO A 50 16.25 20.85 -18.60
C PRO A 50 15.08 20.04 -19.11
N TRP A 51 15.31 18.87 -19.72
CA TRP A 51 14.23 18.19 -20.42
C TRP A 51 13.20 17.58 -19.47
N ILE A 52 13.55 17.34 -18.21
CA ILE A 52 12.57 16.79 -17.27
C ILE A 52 11.65 17.88 -16.72
N GLU A 53 12.07 19.15 -16.77
CA GLU A 53 11.20 20.24 -16.35
C GLU A 53 9.95 20.35 -17.21
N GLN A 54 9.86 19.60 -18.31
CA GLN A 54 8.64 19.55 -19.09
C GLN A 54 7.51 18.87 -18.35
N GLU A 55 7.81 18.00 -17.39
CA GLU A 55 6.77 17.32 -16.62
C GLU A 55 5.99 18.32 -15.78
N GLY A 56 4.70 18.04 -15.61
CA GLY A 56 3.82 18.92 -14.91
C GLY A 56 3.80 18.70 -13.41
N PRO A 57 2.92 19.44 -12.71
CA PRO A 57 2.91 19.39 -11.24
C PRO A 57 2.56 18.04 -10.67
N GLU A 58 1.69 17.28 -11.35
CA GLU A 58 1.32 15.97 -10.84
C GLU A 58 2.53 15.04 -10.81
N TYR A 59 3.39 15.12 -11.83
CA TYR A 59 4.61 14.30 -11.83
C TYR A 59 5.47 14.61 -10.61
N TRP A 60 5.74 15.90 -10.38
CA TRP A 60 6.61 16.28 -9.27
C TRP A 60 5.95 15.98 -7.92
N ASP A 61 4.64 16.20 -7.80
CA ASP A 61 3.95 15.82 -6.57
C ASP A 61 4.10 14.33 -6.31
N GLY A 62 3.88 13.51 -7.34
CA GLY A 62 3.91 12.07 -7.14
C GLY A 62 5.30 11.55 -6.85
N GLU A 63 6.30 12.07 -7.54
CA GLU A 63 7.67 11.62 -7.28
C GLU A 63 8.15 12.06 -5.90
N THR A 64 7.66 13.21 -5.42
CA THR A 64 8.01 13.64 -4.07
C THR A 64 7.42 12.71 -3.01
N ARG A 65 6.13 12.36 -3.14
CA ARG A 65 5.52 11.45 -2.19
C ARG A 65 6.24 10.12 -2.14
N LYS A 66 6.60 9.59 -3.31
CA LYS A 66 7.22 8.28 -3.36
C LYS A 66 8.61 8.29 -2.77
N VAL A 67 9.40 9.33 -3.05
CA VAL A 67 10.78 9.35 -2.58
C VAL A 67 10.82 9.60 -1.08
N LYS A 68 9.86 10.35 -0.54
CA LYS A 68 9.75 10.51 0.91
C LYS A 68 9.47 9.18 1.60
N ALA A 69 8.66 8.33 0.98
CA ALA A 69 8.44 6.98 1.52
C ALA A 69 9.73 6.16 1.44
N HIS A 70 10.47 6.26 0.33
CA HIS A 70 11.79 5.61 0.25
C HIS A 70 12.68 6.07 1.41
N SER A 71 12.70 7.37 1.67
CA SER A 71 13.58 7.93 2.69
C SER A 71 13.35 7.27 4.04
N GLN A 72 12.07 7.15 4.44
CA GLN A 72 11.74 6.60 5.74
C GLN A 72 12.01 5.11 5.81
N THR A 73 11.82 4.39 4.71
CA THR A 73 12.09 2.97 4.70
C THR A 73 13.57 2.68 4.94
N HIS A 74 14.44 3.45 4.29
CA HIS A 74 15.87 3.20 4.45
C HIS A 74 16.36 3.72 5.79
N ARG A 75 15.67 4.69 6.37
CA ARG A 75 15.94 5.07 7.76
C ARG A 75 15.68 3.90 8.71
N VAL A 76 14.56 3.21 8.53
CA VAL A 76 14.27 2.02 9.34
C VAL A 76 15.33 0.94 9.10
N ASP A 77 15.68 0.71 7.83
CA ASP A 77 16.66 -0.33 7.49
C ASP A 77 17.98 -0.13 8.22
N LEU A 78 18.44 1.12 8.34
CA LEU A 78 19.67 1.37 9.08
C LEU A 78 19.57 0.81 10.50
N GLY A 79 18.45 1.05 11.17
CA GLY A 79 18.27 0.47 12.49
C GLY A 79 18.17 -1.04 12.45
N THR A 80 17.50 -1.57 11.43
CA THR A 80 17.38 -3.02 11.32
C THR A 80 18.74 -3.68 11.10
N LEU A 81 19.54 -3.12 10.21
CA LEU A 81 20.85 -3.70 9.91
C LEU A 81 21.78 -3.62 11.11
N ARG A 82 21.68 -2.53 11.88
CA ARG A 82 22.48 -2.43 13.09
C ARG A 82 22.19 -3.62 14.01
N GLY A 83 20.92 -4.02 14.11
CA GLY A 83 20.58 -5.18 14.92
C GLY A 83 21.04 -6.50 14.31
N TYR A 84 20.92 -6.64 12.99
CA TYR A 84 21.32 -7.89 12.33
C TYR A 84 22.81 -8.17 12.54
N TYR A 85 23.63 -7.12 12.53
CA TYR A 85 25.07 -7.27 12.68
C TYR A 85 25.55 -7.00 14.09
N ASN A 86 24.62 -6.87 15.05
CA ASN A 86 24.94 -6.66 16.46
C ASN A 86 25.95 -5.53 16.62
N GLN A 87 25.66 -4.40 16.01
CA GLN A 87 26.53 -3.23 16.07
C GLN A 87 26.04 -2.25 17.12
N SER A 88 26.95 -1.40 17.58
CA SER A 88 26.60 -0.37 18.55
C SER A 88 26.00 0.84 17.85
N GLU A 89 25.51 1.78 18.66
CA GLU A 89 24.97 3.03 18.14
C GLU A 89 26.03 4.09 17.95
N ALA A 90 27.30 3.76 18.20
CA ALA A 90 28.37 4.76 18.18
C ALA A 90 28.87 5.07 16.76
N GLY A 91 28.76 4.13 15.83
CA GLY A 91 29.35 4.28 14.52
C GLY A 91 28.35 4.74 13.46
N SER A 92 28.87 5.49 12.48
CA SER A 92 28.07 5.83 11.32
C SER A 92 28.06 4.64 10.38
N HIS A 93 26.92 4.41 9.73
CA HIS A 93 26.78 3.32 8.78
C HIS A 93 26.01 3.82 7.57
N THR A 94 26.16 3.11 6.45
CA THR A 94 25.60 3.51 5.17
C THR A 94 24.79 2.37 4.56
N VAL A 95 23.58 2.69 4.10
CA VAL A 95 22.80 1.78 3.26
C VAL A 95 22.72 2.38 1.87
N GLN A 96 22.99 1.57 0.86
CA GLN A 96 22.88 1.97 -0.54
C GLN A 96 21.94 1.03 -1.27
N ARG A 97 21.21 1.59 -2.24
CA ARG A 97 20.27 0.84 -3.05
C ARG A 97 20.30 1.39 -4.46
N MET A 98 20.26 0.49 -5.43
CA MET A 98 20.16 0.87 -6.84
C MET A 98 19.12 -0.03 -7.49
N TYR A 99 18.29 0.55 -8.35
CA TYR A 99 17.43 -0.25 -9.20
C TYR A 99 17.17 0.48 -10.51
N GLY A 100 16.71 -0.27 -11.49
CA GLY A 100 16.45 0.30 -12.81
C GLY A 100 16.41 -0.76 -13.88
N CYS A 101 16.46 -0.30 -15.14
CA CYS A 101 16.27 -1.20 -16.28
C CYS A 101 17.10 -0.77 -17.49
N ASP A 102 17.45 -1.75 -18.31
CA ASP A 102 18.11 -1.56 -19.59
C ASP A 102 17.17 -1.95 -20.73
N VAL A 103 17.31 -1.24 -21.86
CA VAL A 103 16.62 -1.58 -23.10
C VAL A 103 17.64 -1.61 -24.23
N GLY A 104 17.33 -2.38 -25.26
CA GLY A 104 18.16 -2.48 -26.43
C GLY A 104 17.85 -1.40 -27.45
N SER A 105 18.30 -1.64 -28.69
CA SER A 105 18.16 -0.65 -29.75
C SER A 105 16.72 -0.50 -30.21
N ASP A 106 15.90 -1.53 -30.05
CA ASP A 106 14.46 -1.41 -30.27
C ASP A 106 13.74 -0.79 -29.08
N TRP A 107 14.47 -0.36 -28.05
CA TRP A 107 13.91 0.18 -26.81
C TRP A 107 13.03 -0.83 -26.08
N ARG A 108 13.20 -2.11 -26.37
CA ARG A 108 12.49 -3.15 -25.64
C ARG A 108 13.33 -3.63 -24.45
N PHE A 109 12.64 -4.13 -23.42
CA PHE A 109 13.27 -4.58 -22.20
C PHE A 109 14.43 -5.52 -22.49
N LEU A 110 15.51 -5.35 -21.74
CA LEU A 110 16.68 -6.21 -21.89
C LEU A 110 17.05 -6.81 -20.54
N ARG A 111 17.10 -5.99 -19.50
CA ARG A 111 17.52 -6.46 -18.19
C ARG A 111 17.04 -5.50 -17.11
N GLY A 112 16.80 -6.05 -15.93
CA GLY A 112 16.43 -5.28 -14.75
C GLY A 112 17.37 -5.51 -13.59
N TYR A 113 17.41 -4.57 -12.64
CA TYR A 113 18.34 -4.57 -11.53
C TYR A 113 17.61 -4.08 -10.28
N HIS A 114 18.00 -4.62 -9.12
CA HIS A 114 17.50 -4.13 -7.85
C HIS A 114 18.36 -4.74 -6.74
N GLN A 115 19.20 -3.94 -6.10
CA GLN A 115 20.23 -4.49 -5.24
C GLN A 115 20.63 -3.46 -4.18
N TYR A 116 21.21 -3.99 -3.11
CA TYR A 116 21.53 -3.26 -1.89
C TYR A 116 22.94 -3.56 -1.46
N ALA A 117 23.55 -2.58 -0.78
CA ALA A 117 24.80 -2.77 -0.06
C ALA A 117 24.68 -2.14 1.33
N TYR A 118 25.42 -2.70 2.28
CA TYR A 118 25.54 -2.16 3.61
C TYR A 118 27.02 -1.90 3.87
N ASP A 119 27.35 -0.66 4.23
CA ASP A 119 28.73 -0.26 4.46
C ASP A 119 29.65 -0.66 3.30
N GLY A 120 29.20 -0.34 2.09
CA GLY A 120 30.03 -0.51 0.92
C GLY A 120 30.15 -1.92 0.40
N LYS A 121 29.43 -2.86 0.98
CA LYS A 121 29.56 -4.29 0.69
C LYS A 121 28.21 -4.82 0.25
N ASP A 122 28.22 -5.73 -0.72
CA ASP A 122 26.99 -6.30 -1.24
C ASP A 122 26.19 -6.94 -0.10
N TYR A 123 24.89 -6.67 -0.09
CA TYR A 123 23.99 -7.21 0.93
C TYR A 123 23.03 -8.22 0.32
N ILE A 124 22.09 -7.77 -0.53
CA ILE A 124 21.19 -8.66 -1.24
C ILE A 124 20.96 -8.08 -2.63
N ALA A 125 20.80 -8.96 -3.62
CA ALA A 125 20.51 -8.51 -4.97
C ALA A 125 19.47 -9.42 -5.62
N LEU A 126 18.59 -8.81 -6.41
CA LEU A 126 17.68 -9.57 -7.25
C LEU A 126 18.44 -10.15 -8.43
N LYS A 127 18.26 -11.45 -8.68
CA LYS A 127 18.98 -12.11 -9.76
C LYS A 127 18.36 -11.72 -11.11
N GLU A 128 19.08 -12.08 -12.18
CA GLU A 128 18.70 -11.63 -13.51
C GLU A 128 17.33 -12.15 -13.92
N ASP A 129 16.92 -13.31 -13.38
CA ASP A 129 15.60 -13.85 -13.70
C ASP A 129 14.47 -13.06 -13.05
N LEU A 130 14.79 -12.09 -12.20
CA LEU A 130 13.79 -11.26 -11.53
C LEU A 130 12.83 -12.08 -10.67
N ARG A 131 13.29 -13.26 -10.24
CA ARG A 131 12.46 -14.16 -9.43
C ARG A 131 13.14 -14.65 -8.16
N SER A 132 14.46 -14.64 -8.06
CA SER A 132 15.18 -15.14 -6.89
C SER A 132 16.21 -14.11 -6.43
N TRP A 133 16.76 -14.34 -5.24
CA TRP A 133 17.64 -13.39 -4.57
C TRP A 133 19.00 -14.02 -4.27
N THR A 134 20.03 -13.17 -4.32
CA THR A 134 21.37 -13.53 -3.85
C THR A 134 21.63 -12.85 -2.51
N ALA A 135 21.85 -13.65 -1.48
CA ALA A 135 22.09 -13.14 -0.13
C ALA A 135 23.58 -13.20 0.17
N ALA A 136 24.18 -12.03 0.41
CA ALA A 136 25.62 -11.98 0.64
C ALA A 136 26.04 -12.91 1.79
N ASP A 137 25.36 -12.82 2.94
CA ASP A 137 25.82 -13.46 4.17
C ASP A 137 24.62 -13.92 4.98
N MET A 138 24.88 -14.30 6.24
CA MET A 138 23.83 -14.84 7.09
C MET A 138 22.78 -13.79 7.43
N ALA A 139 23.17 -12.53 7.56
CA ALA A 139 22.19 -11.49 7.87
C ALA A 139 21.26 -11.24 6.68
N ALA A 140 21.81 -11.20 5.48
CA ALA A 140 20.98 -11.04 4.30
C ALA A 140 20.00 -12.21 4.13
N GLN A 141 20.33 -13.37 4.69
CA GLN A 141 19.42 -14.50 4.61
C GLN A 141 18.11 -14.18 5.31
N THR A 142 18.16 -13.46 6.42
CA THR A 142 16.94 -13.06 7.12
C THR A 142 16.07 -12.22 6.19
N THR A 143 16.67 -11.21 5.54
CA THR A 143 15.91 -10.40 4.59
C THR A 143 15.37 -11.25 3.45
N LYS A 144 16.20 -12.14 2.90
CA LYS A 144 15.77 -12.96 1.78
C LYS A 144 14.52 -13.75 2.13
N HIS A 145 14.52 -14.39 3.30
CA HIS A 145 13.39 -15.23 3.68
C HIS A 145 12.12 -14.39 3.87
N LYS A 146 12.29 -13.17 4.37
CA LYS A 146 11.15 -12.27 4.53
C LYS A 146 10.59 -11.84 3.18
N TRP A 147 11.46 -11.48 2.25
CA TRP A 147 10.99 -11.00 0.94
C TRP A 147 10.45 -12.13 0.08
N GLU A 148 10.97 -13.35 0.24
CA GLU A 148 10.40 -14.50 -0.43
C GLU A 148 8.99 -14.78 0.07
N ALA A 149 8.81 -14.87 1.40
CA ALA A 149 7.49 -15.17 1.95
C ALA A 149 6.47 -14.11 1.54
N ALA A 150 6.90 -12.88 1.31
CA ALA A 150 6.01 -11.76 1.01
C ALA A 150 5.81 -11.53 -0.48
N HIS A 151 6.51 -12.26 -1.35
CA HIS A 151 6.36 -12.19 -2.80
C HIS A 151 6.86 -10.88 -3.39
N VAL A 152 7.88 -10.29 -2.78
CA VAL A 152 8.34 -8.97 -3.21
C VAL A 152 8.75 -9.02 -4.68
N ALA A 153 9.37 -10.12 -5.10
CA ALA A 153 9.95 -10.17 -6.45
C ALA A 153 8.87 -10.11 -7.51
N GLU A 154 7.74 -10.80 -7.29
CA GLU A 154 6.66 -10.78 -8.28
C GLU A 154 6.14 -9.37 -8.50
N GLN A 155 6.15 -8.54 -7.46
CA GLN A 155 5.71 -7.16 -7.62
C GLN A 155 6.81 -6.30 -8.25
N LEU A 156 8.06 -6.49 -7.84
CA LEU A 156 9.16 -5.75 -8.45
C LEU A 156 9.28 -6.04 -9.93
N ARG A 157 9.07 -7.30 -10.33
CA ARG A 157 9.22 -7.67 -11.73
C ARG A 157 8.24 -6.92 -12.61
N ALA A 158 7.07 -6.54 -12.07
CA ALA A 158 6.11 -5.75 -12.83
C ALA A 158 6.64 -4.34 -13.09
N TYR A 159 7.35 -3.78 -12.13
CA TYR A 159 7.95 -2.47 -12.32
C TYR A 159 9.14 -2.55 -13.26
N LEU A 160 10.12 -3.41 -12.95
CA LEU A 160 11.36 -3.45 -13.72
C LEU A 160 11.13 -3.77 -15.19
N GLU A 161 10.19 -4.68 -15.48
CA GLU A 161 9.95 -5.11 -16.85
C GLU A 161 8.92 -4.27 -17.59
N GLY A 162 8.08 -3.54 -16.87
CA GLY A 162 7.01 -2.78 -17.47
C GLY A 162 7.16 -1.30 -17.24
N THR A 163 6.82 -0.86 -16.03
CA THR A 163 6.73 0.57 -15.74
C THR A 163 8.07 1.27 -15.98
N CYS A 164 9.16 0.63 -15.55
CA CYS A 164 10.49 1.24 -15.70
C CYS A 164 10.80 1.51 -17.16
N VAL A 165 10.51 0.54 -18.02
CA VAL A 165 10.77 0.66 -19.45
C VAL A 165 9.91 1.75 -20.07
N GLU A 166 8.64 1.83 -19.66
CA GLU A 166 7.75 2.87 -20.19
C GLU A 166 8.30 4.26 -19.86
N TRP A 167 8.72 4.49 -18.62
CA TRP A 167 9.28 5.78 -18.26
C TRP A 167 10.53 6.08 -19.09
N LEU A 168 11.42 5.10 -19.20
CA LEU A 168 12.64 5.31 -20.00
C LEU A 168 12.28 5.71 -21.44
N ARG A 169 11.37 4.97 -22.07
CA ARG A 169 10.94 5.36 -23.42
C ARG A 169 10.43 6.80 -23.44
N ARG A 170 9.60 7.15 -22.46
CA ARG A 170 9.05 8.50 -22.42
C ARG A 170 10.16 9.53 -22.32
N TYR A 171 11.11 9.29 -21.41
CA TYR A 171 12.20 10.23 -21.20
C TYR A 171 13.07 10.35 -22.46
N LEU A 172 13.33 9.25 -23.15
CA LEU A 172 14.18 9.30 -24.34
C LEU A 172 13.53 10.16 -25.42
N GLU A 173 12.20 10.03 -25.59
CA GLU A 173 11.49 10.85 -26.56
C GLU A 173 11.48 12.32 -26.15
N ASN A 174 11.21 12.61 -24.88
CA ASN A 174 11.09 14.00 -24.45
C ASN A 174 12.43 14.71 -24.31
N GLY A 175 13.52 13.98 -24.12
CA GLY A 175 14.84 14.56 -24.07
C GLY A 175 15.71 14.13 -25.24
N LYS A 176 15.10 14.05 -26.44
CA LYS A 176 15.77 13.50 -27.61
C LYS A 176 17.12 14.16 -27.86
N GLU A 177 17.14 15.48 -28.00
CA GLU A 177 18.38 16.16 -28.40
C GLU A 177 19.50 15.90 -27.40
N THR A 178 19.17 15.79 -26.11
CA THR A 178 20.19 15.57 -25.09
C THR A 178 20.58 14.10 -24.97
N LEU A 179 19.59 13.20 -25.02
CA LEU A 179 19.78 11.81 -24.67
C LEU A 179 20.09 10.92 -25.85
N GLN A 180 19.49 11.19 -27.01
CA GLN A 180 19.76 10.42 -28.23
C GLN A 180 20.83 11.12 -29.07
N ARG A 181 21.91 11.54 -28.43
CA ARG A 181 23.00 12.19 -29.12
C ARG A 181 24.28 11.40 -28.92
N THR A 182 25.22 11.62 -29.81
CA THR A 182 26.55 11.04 -29.69
C THR A 182 27.55 12.13 -30.01
N ASP A 183 28.51 12.35 -29.12
CA ASP A 183 29.58 13.33 -29.33
C ASP A 183 30.90 12.55 -29.41
N ALA A 184 31.52 12.57 -30.59
CA ALA A 184 32.77 11.87 -30.77
C ALA A 184 33.89 12.63 -30.06
N PRO A 185 34.87 11.93 -29.50
CA PRO A 185 35.95 12.60 -28.76
C PRO A 185 36.83 13.44 -29.68
N LYS A 186 37.24 14.60 -29.17
CA LYS A 186 38.40 15.29 -29.72
C LYS A 186 39.64 14.70 -29.09
N THR A 187 40.63 14.38 -29.92
CA THR A 187 41.79 13.63 -29.47
C THR A 187 43.08 14.39 -29.75
N HIS A 188 44.06 14.20 -28.88
CA HIS A 188 45.41 14.68 -29.12
C HIS A 188 46.35 13.92 -28.18
N MET A 189 47.64 14.23 -28.24
CA MET A 189 48.65 13.50 -27.50
C MET A 189 49.67 14.47 -26.94
N THR A 190 50.18 14.17 -25.74
CA THR A 190 51.20 14.98 -25.10
C THR A 190 52.43 14.13 -24.82
N HIS A 191 53.55 14.81 -24.53
CA HIS A 191 54.85 14.16 -24.42
C HIS A 191 55.64 14.83 -23.31
N HIS A 192 55.96 14.06 -22.25
CA HIS A 192 56.77 14.53 -21.15
C HIS A 192 57.93 13.58 -20.90
N ALA A 193 59.07 14.15 -20.53
CA ALA A 193 60.24 13.36 -20.17
C ALA A 193 60.14 12.90 -18.72
N VAL A 194 60.39 11.61 -18.49
CA VAL A 194 60.39 11.06 -17.15
C VAL A 194 61.82 11.15 -16.61
N SER A 195 62.75 10.49 -17.31
CA SER A 195 64.18 10.62 -17.05
C SER A 195 64.87 10.97 -18.37
N ASP A 196 66.20 11.04 -18.36
CA ASP A 196 66.92 11.38 -19.57
C ASP A 196 66.82 10.30 -20.65
N HIS A 197 66.40 9.09 -20.27
CA HIS A 197 66.33 7.96 -21.21
C HIS A 197 64.92 7.40 -21.32
N GLU A 198 63.91 8.19 -20.95
CA GLU A 198 62.53 7.70 -20.90
C GLU A 198 61.58 8.88 -20.99
N ALA A 199 60.38 8.62 -21.54
CA ALA A 199 59.38 9.67 -21.72
C ALA A 199 57.99 9.09 -21.54
N THR A 200 57.04 9.97 -21.23
CA THR A 200 55.64 9.60 -21.13
C THR A 200 54.90 10.10 -22.36
N LEU A 201 54.17 9.19 -23.01
CA LEU A 201 53.20 9.55 -24.04
C LEU A 201 51.81 9.40 -23.43
N ARG A 202 51.04 10.49 -23.45
CA ARG A 202 49.70 10.51 -22.90
C ARG A 202 48.72 10.82 -24.02
N CYS A 203 47.76 9.93 -24.20
CA CYS A 203 46.75 10.04 -25.24
C CYS A 203 45.45 10.54 -24.61
N TRP A 204 44.88 11.60 -25.20
CA TRP A 204 43.72 12.30 -24.66
C TRP A 204 42.49 12.08 -25.51
N ALA A 205 41.33 11.99 -24.84
CA ALA A 205 40.02 12.02 -25.48
C ALA A 205 39.15 12.99 -24.70
N LEU A 206 38.50 13.92 -25.40
CA LEU A 206 37.78 15.00 -24.75
C LEU A 206 36.43 15.25 -25.44
N SER A 207 35.49 15.78 -24.65
CA SER A 207 34.23 16.29 -25.18
C SER A 207 33.37 15.20 -25.81
N PHE A 208 33.41 14.00 -25.24
CA PHE A 208 32.66 12.89 -25.82
C PHE A 208 31.47 12.50 -24.94
N TYR A 209 30.42 12.00 -25.61
CA TYR A 209 29.24 11.41 -24.96
C TYR A 209 28.68 10.30 -25.87
N PRO A 210 28.29 9.15 -25.29
CA PRO A 210 28.25 8.79 -23.87
C PRO A 210 29.62 8.44 -23.29
N ALA A 211 29.65 8.19 -21.97
CA ALA A 211 30.91 8.01 -21.26
C ALA A 211 31.70 6.80 -21.75
N GLU A 212 31.01 5.79 -22.27
CA GLU A 212 31.69 4.58 -22.73
C GLU A 212 32.74 4.90 -23.80
N ILE A 213 33.99 4.53 -23.52
CA ILE A 213 35.10 4.75 -24.46
C ILE A 213 36.19 3.73 -24.15
N THR A 214 37.00 3.40 -25.15
CA THR A 214 38.16 2.53 -24.96
C THR A 214 39.41 3.19 -25.54
N LEU A 215 40.46 3.26 -24.73
CA LEU A 215 41.77 3.74 -25.13
C LEU A 215 42.79 2.65 -24.87
N THR A 216 43.55 2.28 -25.90
CA THR A 216 44.60 1.28 -25.75
C THR A 216 45.85 1.74 -26.49
N TRP A 217 47.00 1.29 -25.97
CA TRP A 217 48.30 1.55 -26.58
C TRP A 217 48.81 0.28 -27.24
N GLN A 218 49.51 0.46 -28.35
CA GLN A 218 50.19 -0.64 -29.04
C GLN A 218 51.64 -0.26 -29.27
N ARG A 219 52.51 -1.26 -29.20
CA ARG A 219 53.92 -1.10 -29.56
C ARG A 219 54.20 -2.10 -30.67
N ASP A 220 54.46 -1.58 -31.87
CA ASP A 220 54.65 -2.40 -33.06
C ASP A 220 53.42 -3.29 -33.30
N GLY A 221 52.23 -2.73 -33.06
CA GLY A 221 50.99 -3.43 -33.29
C GLY A 221 50.56 -4.37 -32.17
N GLU A 222 51.30 -4.42 -31.06
CA GLU A 222 51.05 -5.37 -29.98
C GLU A 222 50.51 -4.63 -28.76
N ASP A 223 49.39 -5.10 -28.23
CA ASP A 223 48.78 -4.47 -27.06
C ASP A 223 49.79 -4.34 -25.93
N GLN A 224 49.64 -3.27 -25.14
CA GLN A 224 50.52 -2.96 -24.02
C GLN A 224 49.72 -2.81 -22.75
N THR A 225 48.86 -3.80 -22.47
CA THR A 225 47.89 -3.66 -21.39
C THR A 225 48.56 -3.46 -20.04
N GLN A 226 49.68 -4.16 -19.80
CA GLN A 226 50.28 -4.13 -18.48
C GLN A 226 50.95 -2.79 -18.18
N ASP A 227 51.53 -2.15 -19.20
CA ASP A 227 52.33 -0.96 -19.00
C ASP A 227 51.55 0.33 -19.28
N THR A 228 50.22 0.26 -19.31
CA THR A 228 49.37 1.39 -19.66
C THR A 228 48.67 1.89 -18.39
N GLU A 229 48.88 3.16 -18.07
CA GLU A 229 48.18 3.81 -16.96
C GLU A 229 46.89 4.44 -17.49
N LEU A 230 45.75 4.00 -16.97
CA LEU A 230 44.46 4.58 -17.29
C LEU A 230 43.98 5.43 -16.12
N VAL A 231 43.18 6.45 -16.41
CA VAL A 231 42.49 7.19 -15.37
C VAL A 231 41.00 7.00 -15.54
N GLU A 232 40.29 7.13 -14.44
CA GLU A 232 38.84 7.01 -14.45
C GLU A 232 38.26 8.07 -15.38
N THR A 233 37.29 7.67 -16.19
CA THR A 233 36.58 8.64 -17.01
C THR A 233 35.95 9.69 -16.09
N ARG A 234 36.01 10.94 -16.52
CA ARG A 234 35.63 12.07 -15.68
C ARG A 234 34.72 13.02 -16.44
N PRO A 235 33.80 13.69 -15.74
CA PRO A 235 32.89 14.63 -16.41
C PRO A 235 33.50 16.00 -16.57
N ALA A 236 33.30 16.60 -17.75
CA ALA A 236 33.74 17.97 -17.95
C ALA A 236 32.83 18.97 -17.26
N GLY A 237 31.59 18.59 -16.99
CA GLY A 237 30.64 19.42 -16.30
C GLY A 237 29.58 20.04 -17.20
N ASP A 238 29.72 19.89 -18.51
CA ASP A 238 28.77 20.41 -19.49
C ASP A 238 28.03 19.29 -20.21
N GLY A 239 28.05 18.08 -19.68
CA GLY A 239 27.39 16.96 -20.31
C GLY A 239 28.30 16.04 -21.10
N THR A 240 29.59 16.35 -21.21
CA THR A 240 30.55 15.50 -21.92
C THR A 240 31.58 14.98 -20.93
N PHE A 241 32.45 14.09 -21.41
CA PHE A 241 33.38 13.36 -20.56
C PHE A 241 34.79 13.42 -21.14
N GLN A 242 35.77 13.15 -20.26
CA GLN A 242 37.19 13.20 -20.59
C GLN A 242 37.87 11.94 -20.07
N LYS A 243 38.97 11.58 -20.74
CA LYS A 243 39.76 10.42 -20.34
C LYS A 243 41.12 10.47 -21.03
N TRP A 244 42.13 9.88 -20.38
CA TRP A 244 43.44 9.73 -20.99
C TRP A 244 44.09 8.43 -20.55
N ALA A 245 45.04 7.99 -21.38
CA ALA A 245 45.83 6.78 -21.17
C ALA A 245 47.28 7.12 -21.45
N ALA A 246 48.18 6.62 -20.62
CA ALA A 246 49.59 6.95 -20.73
C ALA A 246 50.44 5.69 -20.81
N VAL A 247 51.63 5.86 -21.35
CA VAL A 247 52.61 4.79 -21.45
C VAL A 247 53.98 5.41 -21.35
N VAL A 248 54.88 4.72 -20.66
CA VAL A 248 56.27 5.15 -20.55
C VAL A 248 57.06 4.40 -21.62
N VAL A 249 57.77 5.14 -22.46
CA VAL A 249 58.51 4.54 -23.57
C VAL A 249 59.99 4.91 -23.43
N PRO A 250 60.90 4.10 -23.96
CA PRO A 250 62.31 4.51 -23.98
C PRO A 250 62.52 5.68 -24.95
N SER A 251 63.17 6.73 -24.46
CA SER A 251 63.33 7.95 -25.25
C SER A 251 63.97 7.64 -26.59
N GLY A 252 63.43 8.24 -27.65
CA GLY A 252 63.89 7.98 -28.99
C GLY A 252 63.16 6.87 -29.70
N GLN A 253 62.23 6.18 -29.03
CA GLN A 253 61.46 5.12 -29.65
C GLN A 253 59.99 5.46 -29.76
N GLU A 254 59.64 6.76 -29.60
CA GLU A 254 58.25 7.18 -29.61
C GLU A 254 57.50 6.75 -30.86
N GLN A 255 58.23 6.49 -31.95
CA GLN A 255 57.61 6.15 -33.22
C GLN A 255 57.03 4.74 -33.23
N ARG A 256 57.42 3.88 -32.28
CA ARG A 256 56.93 2.52 -32.24
C ARG A 256 55.55 2.39 -31.61
N TYR A 257 55.01 3.45 -31.01
CA TYR A 257 53.79 3.36 -30.22
C TYR A 257 52.64 4.07 -30.92
N THR A 258 51.45 3.49 -30.81
CA THR A 258 50.22 4.08 -31.34
C THR A 258 49.11 3.95 -30.31
N CYS A 259 48.31 5.01 -30.19
CA CYS A 259 47.14 5.01 -29.33
C CYS A 259 45.90 4.80 -30.18
N HIS A 260 44.99 3.96 -29.68
CA HIS A 260 43.79 3.57 -30.41
C HIS A 260 42.56 3.96 -29.60
N VAL A 261 41.60 4.60 -30.26
CA VAL A 261 40.42 5.19 -29.61
C VAL A 261 39.19 4.60 -30.25
N GLN A 262 38.34 3.96 -29.44
CA GLN A 262 37.07 3.41 -29.89
C GLN A 262 35.94 4.12 -29.17
N HIS A 263 34.99 4.64 -29.94
CA HIS A 263 33.84 5.32 -29.37
C HIS A 263 32.65 5.17 -30.32
N GLU A 264 31.46 5.17 -29.72
CA GLU A 264 30.23 5.00 -30.48
C GLU A 264 30.04 6.10 -31.51
N GLY A 265 30.63 7.27 -31.29
CA GLY A 265 30.54 8.40 -32.19
C GLY A 265 31.58 8.43 -33.28
N LEU A 266 32.40 7.39 -33.41
CA LEU A 266 33.43 7.33 -34.44
C LEU A 266 33.03 6.31 -35.49
N PRO A 267 32.97 6.67 -36.78
CA PRO A 267 32.71 5.64 -37.81
C PRO A 267 33.69 4.48 -37.76
N LYS A 268 34.96 4.75 -37.47
CA LYS A 268 35.97 3.71 -37.29
C LYS A 268 36.93 4.14 -36.20
N PRO A 269 37.64 3.20 -35.56
CA PRO A 269 38.55 3.59 -34.48
C PRO A 269 39.65 4.50 -34.99
N LEU A 270 40.14 5.37 -34.10
CA LEU A 270 41.20 6.30 -34.44
C LEU A 270 42.54 5.74 -34.00
N THR A 271 43.56 5.99 -34.81
CA THR A 271 44.95 5.70 -34.47
C THR A 271 45.69 7.03 -34.33
N LEU A 272 46.42 7.19 -33.25
CA LEU A 272 47.18 8.40 -32.99
C LEU A 272 48.65 8.07 -32.79
N ARG A 273 49.51 8.95 -33.29
CA ARG A 273 50.96 8.81 -33.17
C ARG A 273 51.55 10.11 -32.67
N TRP A 274 52.74 10.02 -32.08
CA TRP A 274 53.45 11.23 -31.65
C TRP A 274 54.14 11.87 -32.84
N GLU A 275 53.84 13.15 -33.08
CA GLU A 275 54.47 13.90 -34.15
C GLU A 275 55.52 14.86 -33.60
N GLN B 1 36.10 0.56 3.65
CA GLN B 1 36.51 1.93 3.31
C GLN B 1 37.49 1.95 2.12
N ARG B 2 37.38 2.99 1.31
CA ARG B 2 38.18 3.15 0.10
C ARG B 2 38.56 4.62 -0.05
N THR B 3 39.80 4.87 -0.44
CA THR B 3 40.31 6.23 -0.45
C THR B 3 40.01 6.91 -1.79
N PRO B 4 39.82 8.23 -1.82
CA PRO B 4 39.40 8.88 -3.07
C PRO B 4 40.52 8.99 -4.09
N LYS B 5 40.11 8.90 -5.35
CA LYS B 5 40.96 9.23 -6.48
C LYS B 5 40.62 10.65 -6.89
N ILE B 6 41.64 11.47 -7.11
CA ILE B 6 41.48 12.91 -7.25
C ILE B 6 42.04 13.35 -8.60
N GLN B 7 41.23 14.08 -9.38
CA GLN B 7 41.69 14.68 -10.62
C GLN B 7 41.30 16.15 -10.63
N VAL B 8 42.26 17.01 -10.97
CA VAL B 8 42.07 18.46 -11.05
C VAL B 8 42.33 18.89 -12.48
N TYR B 9 41.36 19.56 -13.10
CA TYR B 9 41.42 19.84 -14.53
C TYR B 9 40.42 20.94 -14.87
N SER B 10 40.55 21.47 -16.07
CA SER B 10 39.64 22.49 -16.59
C SER B 10 38.59 21.85 -17.48
N ARG B 11 37.44 22.50 -17.57
CA ARG B 11 36.39 22.00 -18.46
C ARG B 11 36.84 22.09 -19.92
N HIS B 12 37.34 23.25 -20.34
CA HIS B 12 37.82 23.42 -21.71
C HIS B 12 39.33 23.60 -21.71
N PRO B 13 39.98 23.41 -22.86
CA PRO B 13 41.43 23.70 -22.93
C PRO B 13 41.73 25.09 -22.43
N ALA B 14 42.74 25.19 -21.57
CA ALA B 14 43.02 26.44 -20.88
C ALA B 14 43.71 27.43 -21.82
N GLU B 15 43.29 28.68 -21.73
CA GLU B 15 43.97 29.78 -22.42
C GLU B 15 43.98 30.96 -21.46
N ASN B 16 45.15 31.56 -21.28
CA ASN B 16 45.27 32.67 -20.33
C ASN B 16 44.29 33.77 -20.68
N GLY B 17 43.56 34.25 -19.67
CA GLY B 17 42.66 35.37 -19.82
C GLY B 17 41.25 35.03 -20.25
N LYS B 18 40.97 33.77 -20.60
CA LYS B 18 39.69 33.36 -21.16
C LYS B 18 38.90 32.57 -20.12
N SER B 19 37.62 32.90 -19.97
CA SER B 19 36.79 32.29 -18.94
C SER B 19 36.65 30.79 -19.18
N ASN B 20 36.52 30.06 -18.07
CA ASN B 20 36.59 28.60 -18.07
C ASN B 20 35.92 28.09 -16.79
N PHE B 21 36.01 26.77 -16.56
CA PHE B 21 35.61 26.15 -15.30
C PHE B 21 36.76 25.29 -14.80
N LEU B 22 37.02 25.38 -13.50
CA LEU B 22 38.00 24.55 -12.80
C LEU B 22 37.27 23.44 -12.06
N ASN B 23 37.68 22.20 -12.30
CA ASN B 23 37.03 21.01 -11.77
C ASN B 23 37.93 20.25 -10.81
N CYS B 24 37.31 19.66 -9.79
CA CYS B 24 37.95 18.63 -8.98
C CYS B 24 37.01 17.45 -8.87
N TYR B 25 37.40 16.32 -9.44
CA TYR B 25 36.60 15.11 -9.48
C TYR B 25 37.18 14.12 -8.49
N VAL B 26 36.39 13.70 -7.51
CA VAL B 26 36.81 12.70 -6.54
C VAL B 26 35.97 11.45 -6.74
N SER B 27 36.63 10.30 -6.85
CA SER B 27 35.92 9.07 -7.19
C SER B 27 36.51 7.88 -6.43
N GLY B 28 35.72 6.80 -6.42
CA GLY B 28 36.14 5.54 -5.87
C GLY B 28 36.25 5.49 -4.37
N PHE B 29 35.57 6.36 -3.62
CA PHE B 29 35.77 6.44 -2.19
C PHE B 29 34.58 5.93 -1.39
N HIS B 30 34.87 5.55 -0.15
CA HIS B 30 33.82 5.09 0.77
C HIS B 30 34.38 5.22 2.19
N PRO B 31 33.58 5.77 3.13
CA PRO B 31 32.20 6.27 3.04
C PRO B 31 32.10 7.62 2.31
N SER B 32 30.89 8.18 2.30
CA SER B 32 30.60 9.31 1.41
C SER B 32 31.03 10.65 1.97
N ASP B 33 31.12 10.79 3.29
CA ASP B 33 31.58 12.03 3.88
C ASP B 33 32.95 12.40 3.33
N ILE B 34 33.05 13.58 2.73
CA ILE B 34 34.31 14.04 2.14
C ILE B 34 34.33 15.56 2.14
N GLU B 35 35.52 16.11 2.24
CA GLU B 35 35.77 17.55 2.29
C GLU B 35 36.62 17.92 1.08
N VAL B 36 36.11 18.81 0.23
CA VAL B 36 36.80 19.18 -0.99
C VAL B 36 36.80 20.70 -1.13
N ASP B 37 37.98 21.27 -1.34
CA ASP B 37 38.14 22.70 -1.53
C ASP B 37 38.97 22.96 -2.78
N LEU B 38 38.65 24.04 -3.46
CA LEU B 38 39.46 24.52 -4.56
C LEU B 38 40.28 25.70 -4.07
N LEU B 39 41.56 25.72 -4.41
CA LEU B 39 42.49 26.72 -3.93
C LEU B 39 43.02 27.54 -5.08
N LYS B 40 43.16 28.85 -4.84
CA LYS B 40 43.88 29.75 -5.73
C LYS B 40 45.00 30.36 -4.92
N ASN B 41 46.25 30.09 -5.34
CA ASN B 41 47.43 30.59 -4.64
C ASN B 41 47.38 30.23 -3.15
N GLY B 42 46.86 29.04 -2.85
CA GLY B 42 46.85 28.54 -1.50
C GLY B 42 45.63 28.92 -0.66
N GLU B 43 44.77 29.80 -1.17
CA GLU B 43 43.59 30.24 -0.43
C GLU B 43 42.34 29.59 -0.99
N ARG B 44 41.44 29.19 -0.10
CA ARG B 44 40.19 28.55 -0.49
C ARG B 44 39.35 29.50 -1.34
N ILE B 45 38.80 28.95 -2.43
CA ILE B 45 37.89 29.70 -3.31
C ILE B 45 36.48 29.60 -2.74
N GLU B 46 35.79 30.74 -2.67
CA GLU B 46 34.54 30.84 -1.90
C GLU B 46 33.37 30.17 -2.61
N LYS B 47 33.05 30.60 -3.83
CA LYS B 47 31.83 30.15 -4.50
C LYS B 47 32.13 28.91 -5.32
N VAL B 48 32.12 27.76 -4.65
CA VAL B 48 32.35 26.46 -5.28
C VAL B 48 31.11 25.61 -5.09
N GLU B 49 30.68 24.96 -6.17
CA GLU B 49 29.52 24.08 -6.16
C GLU B 49 29.98 22.63 -6.35
N HIS B 50 29.05 21.70 -6.15
CA HIS B 50 29.35 20.29 -6.36
C HIS B 50 28.10 19.54 -6.80
N SER B 51 28.35 18.41 -7.46
CA SER B 51 27.28 17.58 -7.97
C SER B 51 26.59 16.82 -6.83
N ASP B 52 25.49 16.17 -7.18
CA ASP B 52 24.72 15.39 -6.23
C ASP B 52 25.36 14.02 -6.02
N LEU B 53 25.38 13.55 -4.77
CA LEU B 53 26.06 12.31 -4.45
C LEU B 53 25.50 11.14 -5.24
N SER B 54 26.37 10.40 -5.91
CA SER B 54 26.02 9.17 -6.63
C SER B 54 27.13 8.16 -6.43
N PHE B 55 26.96 6.96 -6.99
CA PHE B 55 27.94 5.92 -6.78
C PHE B 55 27.98 4.96 -7.98
N SER B 56 29.08 4.22 -8.07
CA SER B 56 29.38 3.34 -9.18
C SER B 56 28.88 1.92 -8.93
N LYS B 57 29.10 1.06 -9.92
CA LYS B 57 28.63 -0.33 -9.82
C LYS B 57 29.22 -1.04 -8.62
N ASP B 58 30.44 -0.71 -8.23
CA ASP B 58 31.09 -1.31 -7.07
C ASP B 58 30.75 -0.59 -5.77
N TRP B 59 29.80 0.34 -5.81
CA TRP B 59 29.21 1.05 -4.67
C TRP B 59 30.07 2.22 -4.19
N SER B 60 31.21 2.49 -4.82
CA SER B 60 32.03 3.62 -4.40
C SER B 60 31.43 4.93 -4.90
N PHE B 61 31.64 5.99 -4.13
CA PHE B 61 31.03 7.27 -4.41
C PHE B 61 31.89 8.10 -5.37
N TYR B 62 31.25 9.07 -6.02
CA TYR B 62 31.95 10.05 -6.83
C TYR B 62 31.22 11.38 -6.78
N LEU B 63 32.02 12.45 -6.87
CA LEU B 63 31.55 13.82 -6.77
C LEU B 63 32.43 14.73 -7.64
N LEU B 64 31.80 15.71 -8.28
CA LEU B 64 32.49 16.76 -9.01
C LEU B 64 32.30 18.08 -8.27
N TYR B 65 33.43 18.76 -7.97
CA TYR B 65 33.42 20.12 -7.44
C TYR B 65 33.95 21.05 -8.53
N TYR B 66 33.34 22.23 -8.66
CA TYR B 66 33.64 23.08 -9.81
C TYR B 66 33.36 24.53 -9.48
N THR B 67 34.13 25.42 -10.12
CA THR B 67 33.91 26.86 -10.02
C THR B 67 34.36 27.50 -11.33
N GLU B 68 33.71 28.61 -11.68
CA GLU B 68 34.15 29.41 -12.82
C GLU B 68 35.47 30.11 -12.49
N PHE B 69 36.40 30.11 -13.44
CA PHE B 69 37.66 30.82 -13.23
C PHE B 69 38.27 31.24 -14.55
N THR B 70 39.23 32.16 -14.46
CA THR B 70 39.97 32.67 -15.61
C THR B 70 41.45 32.42 -15.38
N PRO B 71 42.04 31.41 -16.01
CA PRO B 71 43.46 31.14 -15.78
C PRO B 71 44.35 32.27 -16.29
N THR B 72 45.52 32.39 -15.67
CA THR B 72 46.56 33.30 -16.11
C THR B 72 47.90 32.56 -16.00
N GLU B 73 48.97 33.23 -16.42
CA GLU B 73 50.28 32.59 -16.42
C GLU B 73 50.76 32.33 -15.00
N LYS B 74 50.46 33.24 -14.06
CA LYS B 74 51.10 33.22 -12.75
C LYS B 74 50.26 32.55 -11.66
N ASP B 75 48.93 32.61 -11.74
CA ASP B 75 48.10 32.08 -10.66
C ASP B 75 48.13 30.56 -10.63
N GLU B 76 48.28 30.00 -9.43
CA GLU B 76 48.34 28.57 -9.21
C GLU B 76 47.03 28.07 -8.62
N TYR B 77 46.53 26.95 -9.12
CA TYR B 77 45.29 26.36 -8.65
C TYR B 77 45.52 24.91 -8.19
N ALA B 78 44.73 24.49 -7.21
CA ALA B 78 44.87 23.15 -6.63
C ALA B 78 43.56 22.71 -5.99
N CYS B 79 43.45 21.41 -5.76
CA CYS B 79 42.34 20.81 -5.03
C CYS B 79 42.86 20.26 -3.71
N ARG B 80 42.08 20.43 -2.65
CA ARG B 80 42.41 19.90 -1.32
C ARG B 80 41.28 18.98 -0.89
N VAL B 81 41.61 17.74 -0.54
CA VAL B 81 40.63 16.71 -0.23
C VAL B 81 40.96 16.08 1.13
N ASN B 82 39.97 16.01 2.01
CA ASN B 82 40.11 15.30 3.28
C ASN B 82 39.01 14.26 3.41
N HIS B 83 39.37 13.11 3.97
CA HIS B 83 38.52 11.93 3.99
C HIS B 83 39.02 11.03 5.10
N VAL B 84 38.12 10.22 5.68
CA VAL B 84 38.50 9.44 6.85
C VAL B 84 39.62 8.44 6.52
N THR B 85 39.78 8.05 5.26
CA THR B 85 40.87 7.15 4.89
C THR B 85 42.21 7.86 4.76
N LEU B 86 42.26 9.17 4.95
CA LEU B 86 43.48 9.95 4.81
C LEU B 86 43.92 10.46 6.17
N SER B 87 45.21 10.31 6.46
CA SER B 87 45.75 10.80 7.74
C SER B 87 45.82 12.32 7.78
N GLN B 88 46.02 12.97 6.63
CA GLN B 88 46.03 14.42 6.52
C GLN B 88 45.43 14.79 5.17
N PRO B 89 45.03 16.05 5.00
CA PRO B 89 44.47 16.46 3.69
C PRO B 89 45.49 16.30 2.57
N LYS B 90 44.99 15.89 1.40
CA LYS B 90 45.83 15.66 0.24
C LYS B 90 45.59 16.79 -0.77
N ILE B 91 46.68 17.41 -1.23
CA ILE B 91 46.63 18.55 -2.15
C ILE B 91 47.09 18.07 -3.52
N VAL B 92 46.31 18.38 -4.55
CA VAL B 92 46.66 18.06 -5.94
C VAL B 92 46.65 19.34 -6.75
N LYS B 93 47.77 19.64 -7.40
CA LYS B 93 47.93 20.87 -8.16
C LYS B 93 47.36 20.70 -9.57
N TRP B 94 46.72 21.77 -10.06
CA TRP B 94 46.29 21.80 -11.46
C TRP B 94 47.51 21.95 -12.38
N ASP B 95 47.67 21.01 -13.31
CA ASP B 95 48.78 20.99 -14.27
C ASP B 95 48.16 20.99 -15.66
N ARG B 96 48.05 22.17 -16.28
CA ARG B 96 47.36 22.26 -17.56
C ARG B 96 48.10 21.54 -18.68
N ASP B 97 49.41 21.37 -18.56
CA ASP B 97 50.24 20.76 -19.58
C ASP B 97 50.25 19.23 -19.51
N MET B 98 49.44 18.63 -18.64
CA MET B 98 49.38 17.17 -18.54
C MET B 98 48.98 16.57 -19.89
N GLY C 1 10.40 7.37 -13.62
CA GLY C 1 9.63 7.37 -12.34
C GLY C 1 10.02 6.22 -11.43
N ILE C 2 10.04 6.48 -10.12
CA ILE C 2 10.53 5.52 -9.14
C ILE C 2 9.43 4.57 -8.71
N LEU C 3 9.79 3.57 -7.89
CA LEU C 3 8.80 2.63 -7.38
C LEU C 3 7.75 3.33 -6.54
N GLY C 4 6.50 2.90 -6.69
CA GLY C 4 5.41 3.42 -5.89
C GLY C 4 5.11 2.66 -4.60
N PHE C 5 5.82 1.57 -4.32
CA PHE C 5 5.67 0.86 -3.06
C PHE C 5 7.05 0.64 -2.45
N VAL C 6 7.05 0.44 -1.12
CA VAL C 6 8.28 0.32 -0.34
C VAL C 6 8.15 -0.85 0.62
N PHE C 7 9.29 -1.46 0.93
CA PHE C 7 9.35 -2.64 1.80
C PHE C 7 10.66 -2.62 2.58
N THR C 8 10.59 -3.03 3.85
CA THR C 8 11.74 -2.96 4.75
C THR C 8 12.61 -4.21 4.65
N LEU C 9 13.92 -4.03 4.90
CA LEU C 9 14.87 -5.15 5.01
C LEU C 9 14.61 -6.00 6.26
N LEU D 1 -8.42 5.71 -11.34
CA LEU D 1 -8.61 4.30 -11.70
C LEU D 1 -10.03 3.85 -11.42
N ASN D 2 -10.49 2.84 -12.15
CA ASN D 2 -11.86 2.36 -12.02
C ASN D 2 -11.86 0.84 -12.06
N VAL D 3 -12.38 0.22 -11.01
CA VAL D 3 -12.66 -1.20 -10.96
C VAL D 3 -14.16 -1.37 -10.99
N GLU D 4 -14.66 -2.21 -11.90
CA GLU D 4 -16.08 -2.40 -12.11
C GLU D 4 -16.43 -3.86 -11.86
N GLN D 5 -17.34 -4.12 -10.94
CA GLN D 5 -17.81 -5.46 -10.65
C GLN D 5 -19.27 -5.58 -11.07
N SER D 6 -19.64 -6.74 -11.57
CA SER D 6 -21.02 -7.00 -11.93
C SER D 6 -21.37 -8.47 -11.72
N PRO D 7 -22.63 -8.77 -11.35
CA PRO D 7 -23.70 -7.80 -11.09
C PRO D 7 -23.52 -7.14 -9.73
N GLN D 8 -24.37 -6.15 -9.41
CA GLN D 8 -24.34 -5.58 -8.07
C GLN D 8 -24.74 -6.62 -7.04
N SER D 9 -25.82 -7.35 -7.32
CA SER D 9 -26.33 -8.36 -6.41
C SER D 9 -26.89 -9.50 -7.23
N LEU D 10 -26.98 -10.67 -6.61
CA LEU D 10 -27.61 -11.80 -7.27
C LEU D 10 -28.03 -12.81 -6.23
N HIS D 11 -29.04 -13.62 -6.59
CA HIS D 11 -29.66 -14.61 -5.73
C HIS D 11 -29.61 -15.96 -6.44
N VAL D 12 -29.17 -17.00 -5.75
CA VAL D 12 -29.17 -18.34 -6.32
C VAL D 12 -29.71 -19.31 -5.28
N GLN D 13 -30.29 -20.40 -5.77
CA GLN D 13 -30.76 -21.47 -4.91
C GLN D 13 -29.60 -22.35 -4.48
N GLU D 14 -29.59 -22.70 -3.19
CA GLU D 14 -28.62 -23.64 -2.66
C GLU D 14 -28.43 -24.81 -3.62
N GLY D 15 -27.17 -25.11 -3.93
CA GLY D 15 -26.81 -26.18 -4.83
C GLY D 15 -26.49 -25.72 -6.24
N ASP D 16 -26.98 -24.55 -6.65
CA ASP D 16 -26.68 -24.05 -7.96
C ASP D 16 -25.31 -23.36 -7.97
N SER D 17 -24.64 -23.39 -9.12
CA SER D 17 -23.38 -22.69 -9.29
C SER D 17 -23.64 -21.25 -9.70
N THR D 18 -22.64 -20.41 -9.49
CA THR D 18 -22.79 -19.00 -9.82
C THR D 18 -21.43 -18.45 -10.26
N ASN D 19 -21.45 -17.26 -10.83
CA ASN D 19 -20.20 -16.59 -11.17
C ASN D 19 -20.47 -15.09 -11.31
N PHE D 20 -19.44 -14.29 -11.05
CA PHE D 20 -19.51 -12.85 -11.26
C PHE D 20 -18.18 -12.35 -11.78
N THR D 21 -18.15 -11.05 -12.11
CA THR D 21 -17.09 -10.46 -12.92
C THR D 21 -16.48 -9.26 -12.22
N CYS D 22 -15.20 -9.05 -12.49
CA CYS D 22 -14.47 -7.85 -12.09
C CYS D 22 -13.73 -7.32 -13.31
N SER D 23 -13.96 -6.05 -13.64
CA SER D 23 -13.32 -5.38 -14.76
C SER D 23 -12.36 -4.33 -14.22
N PHE D 24 -11.12 -4.36 -14.70
CA PHE D 24 -10.09 -3.48 -14.13
C PHE D 24 -9.19 -2.91 -15.24
N PRO D 25 -8.37 -1.92 -14.93
CA PRO D 25 -7.54 -1.30 -15.97
C PRO D 25 -6.70 -2.32 -16.73
N SER D 26 -6.62 -2.13 -18.04
CA SER D 26 -5.89 -3.00 -18.94
C SER D 26 -4.40 -2.66 -19.03
N SER D 27 -3.90 -1.66 -18.29
CA SER D 27 -2.51 -1.27 -18.35
C SER D 27 -1.93 -1.10 -16.95
N ASN D 28 -0.64 -1.42 -16.83
CA ASN D 28 0.12 -1.24 -15.60
C ASN D 28 -0.43 -2.11 -14.47
N PHE D 29 -0.78 -3.34 -14.82
CA PHE D 29 -1.29 -4.31 -13.84
C PHE D 29 -0.15 -4.83 -12.96
N TYR D 30 -0.37 -4.84 -11.65
CA TYR D 30 0.56 -5.42 -10.69
C TYR D 30 -0.03 -6.58 -9.90
N ALA D 31 -1.30 -6.51 -9.49
CA ALA D 31 -1.94 -7.64 -8.84
C ALA D 31 -3.42 -7.39 -8.74
N LEU D 32 -4.18 -8.48 -8.59
CA LEU D 32 -5.59 -8.46 -8.30
C LEU D 32 -5.84 -9.36 -7.08
N HIS D 33 -6.70 -8.91 -6.16
CA HIS D 33 -7.11 -9.75 -5.04
C HIS D 33 -8.63 -9.79 -4.94
N TRP D 34 -9.14 -10.94 -4.50
CA TRP D 34 -10.55 -11.14 -4.22
C TRP D 34 -10.76 -11.34 -2.72
N TYR D 35 -11.82 -10.74 -2.18
CA TYR D 35 -12.21 -10.83 -0.78
C TYR D 35 -13.64 -11.34 -0.65
N ARG D 36 -13.89 -12.05 0.45
CA ARG D 36 -15.23 -12.41 0.89
C ARG D 36 -15.56 -11.59 2.14
N TRP D 37 -16.72 -10.94 2.13
CA TRP D 37 -17.14 -10.03 3.20
C TRP D 37 -18.54 -10.44 3.67
N GLU D 38 -18.59 -11.26 4.71
CA GLU D 38 -19.84 -11.69 5.31
C GLU D 38 -20.41 -10.60 6.21
N THR D 39 -21.72 -10.63 6.41
CA THR D 39 -22.36 -9.71 7.33
C THR D 39 -21.85 -9.96 8.75
N ALA D 40 -21.59 -8.87 9.49
CA ALA D 40 -21.05 -8.93 10.84
C ALA D 40 -19.63 -9.48 10.87
N LYS D 41 -18.93 -9.46 9.74
CA LYS D 41 -17.52 -9.77 9.70
C LYS D 41 -16.84 -8.73 8.83
N SER D 42 -15.53 -8.85 8.69
CA SER D 42 -14.76 -7.96 7.84
C SER D 42 -14.33 -8.67 6.57
N PRO D 43 -13.89 -7.93 5.56
CA PRO D 43 -13.35 -8.58 4.35
C PRO D 43 -12.21 -9.51 4.69
N GLU D 44 -12.21 -10.69 4.06
CA GLU D 44 -11.16 -11.69 4.25
C GLU D 44 -10.66 -12.12 2.87
N ALA D 45 -9.35 -12.03 2.66
CA ALA D 45 -8.78 -12.32 1.36
C ALA D 45 -8.98 -13.78 0.99
N LEU D 46 -9.44 -14.01 -0.23
CA LEU D 46 -9.56 -15.34 -0.82
C LEU D 46 -8.40 -15.67 -1.74
N PHE D 47 -8.11 -14.81 -2.71
CA PHE D 47 -7.13 -15.06 -3.75
C PHE D 47 -6.31 -13.80 -4.02
N VAL D 48 -5.06 -14.00 -4.39
CA VAL D 48 -4.23 -12.97 -5.01
C VAL D 48 -3.73 -13.53 -6.34
N MET D 49 -3.84 -12.74 -7.39
CA MET D 49 -3.50 -13.20 -8.73
C MET D 49 -2.63 -12.17 -9.44
N THR D 50 -1.52 -12.64 -10.01
CA THR D 50 -0.59 -11.80 -10.75
C THR D 50 -0.27 -12.32 -12.14
N LEU D 51 -0.43 -13.62 -12.39
CA LEU D 51 -0.04 -14.24 -13.65
C LEU D 51 -1.25 -14.35 -14.56
N ASN D 52 -1.17 -13.72 -15.74
CA ASN D 52 -2.23 -13.84 -16.73
C ASN D 52 -2.49 -15.30 -17.06
N GLY D 53 -3.76 -15.66 -17.14
CA GLY D 53 -4.15 -17.02 -17.47
C GLY D 53 -4.11 -17.99 -16.31
N ASP D 54 -3.67 -17.57 -15.13
CA ASP D 54 -3.60 -18.46 -13.99
C ASP D 54 -4.99 -18.65 -13.41
N GLU D 55 -5.20 -19.80 -12.78
CA GLU D 55 -6.48 -20.11 -12.14
C GLU D 55 -6.22 -20.50 -10.70
N LYS D 56 -6.98 -19.91 -9.78
CA LYS D 56 -6.86 -20.17 -8.36
C LYS D 56 -8.12 -20.89 -7.87
N LYS D 57 -7.96 -21.71 -6.83
CA LYS D 57 -9.05 -22.51 -6.31
C LYS D 57 -8.94 -22.64 -4.79
N LYS D 58 -10.07 -22.48 -4.11
CA LYS D 58 -10.17 -22.75 -2.67
C LYS D 58 -11.55 -23.34 -2.43
N GLY D 59 -11.60 -24.61 -2.03
CA GLY D 59 -12.88 -25.25 -1.80
C GLY D 59 -13.69 -25.29 -3.08
N ARG D 60 -14.92 -24.80 -3.00
CA ARG D 60 -15.82 -24.73 -4.15
C ARG D 60 -15.64 -23.45 -4.94
N ILE D 61 -14.72 -22.60 -4.55
CA ILE D 61 -14.54 -21.28 -5.14
C ILE D 61 -13.32 -21.32 -6.04
N SER D 62 -13.37 -20.56 -7.13
CA SER D 62 -12.24 -20.46 -8.05
C SER D 62 -12.30 -19.13 -8.78
N ALA D 63 -11.17 -18.76 -9.35
CA ALA D 63 -11.02 -17.47 -10.01
C ALA D 63 -10.05 -17.61 -11.18
N THR D 64 -10.29 -16.81 -12.22
CA THR D 64 -9.42 -16.72 -13.39
C THR D 64 -8.99 -15.27 -13.60
N LEU D 65 -7.92 -15.08 -14.36
CA LEU D 65 -7.37 -13.74 -14.62
C LEU D 65 -6.99 -13.58 -16.08
N ASN D 66 -7.45 -12.49 -16.70
CA ASN D 66 -7.07 -12.10 -18.06
C ASN D 66 -6.60 -10.65 -18.01
N THR D 67 -5.28 -10.44 -17.96
CA THR D 67 -4.76 -9.09 -17.85
C THR D 67 -4.84 -8.33 -19.16
N LYS D 68 -4.82 -9.03 -20.30
CA LYS D 68 -4.83 -8.35 -21.59
C LYS D 68 -6.11 -7.53 -21.77
N GLU D 69 -7.27 -8.14 -21.51
CA GLU D 69 -8.54 -7.45 -21.61
C GLU D 69 -9.02 -6.86 -20.28
N GLY D 70 -8.35 -7.17 -19.17
CA GLY D 70 -8.70 -6.60 -17.89
C GLY D 70 -9.96 -7.17 -17.25
N TYR D 71 -10.01 -8.51 -17.12
CA TYR D 71 -11.17 -9.21 -16.60
C TYR D 71 -10.73 -10.31 -15.64
N SER D 72 -11.50 -10.49 -14.57
CA SER D 72 -11.36 -11.64 -13.70
C SER D 72 -12.77 -12.14 -13.37
N TYR D 73 -12.97 -13.45 -13.43
CA TYR D 73 -14.23 -14.07 -13.06
C TYR D 73 -14.04 -14.91 -11.80
N LEU D 74 -15.02 -14.83 -10.89
CA LEU D 74 -15.06 -15.67 -9.70
C LEU D 74 -16.21 -16.65 -9.83
N TYR D 75 -15.93 -17.93 -9.58
CA TYR D 75 -16.88 -19.01 -9.74
C TYR D 75 -17.12 -19.69 -8.39
N ILE D 76 -18.37 -20.00 -8.09
CA ILE D 76 -18.74 -20.81 -6.91
C ILE D 76 -19.59 -21.97 -7.40
N LYS D 77 -19.12 -23.19 -7.17
CA LYS D 77 -19.87 -24.39 -7.51
C LYS D 77 -20.68 -24.88 -6.32
N GLY D 78 -21.86 -25.45 -6.60
CA GLY D 78 -22.71 -26.02 -5.58
C GLY D 78 -22.89 -25.13 -4.37
N SER D 79 -23.35 -23.90 -4.61
CA SER D 79 -23.33 -22.88 -3.57
C SER D 79 -24.10 -23.32 -2.34
N GLN D 80 -23.62 -22.86 -1.19
CA GLN D 80 -24.19 -23.16 0.12
C GLN D 80 -24.59 -21.88 0.81
N PRO D 81 -25.55 -21.95 1.77
CA PRO D 81 -25.91 -20.74 2.51
C PRO D 81 -24.73 -19.99 3.09
N GLU D 82 -23.70 -20.71 3.55
CA GLU D 82 -22.51 -20.07 4.12
C GLU D 82 -21.80 -19.16 3.11
N ASP D 83 -22.10 -19.31 1.81
CA ASP D 83 -21.44 -18.49 0.80
C ASP D 83 -22.03 -17.10 0.67
N SER D 84 -23.21 -16.86 1.24
CA SER D 84 -23.81 -15.53 1.21
C SER D 84 -22.86 -14.49 1.79
N ALA D 85 -22.53 -13.49 0.99
CA ALA D 85 -21.49 -12.52 1.34
C ALA D 85 -21.38 -11.49 0.22
N THR D 86 -20.71 -10.38 0.53
CA THR D 86 -20.25 -9.45 -0.49
C THR D 86 -18.84 -9.83 -0.91
N TYR D 87 -18.64 -10.00 -2.22
CA TYR D 87 -17.34 -10.34 -2.77
C TYR D 87 -16.73 -9.07 -3.39
N LEU D 88 -15.53 -8.72 -2.93
CA LEU D 88 -14.83 -7.53 -3.38
C LEU D 88 -13.65 -7.91 -4.25
N CYS D 89 -13.36 -7.04 -5.22
CA CYS D 89 -12.24 -7.14 -6.13
C CYS D 89 -11.35 -5.92 -5.91
N ALA D 90 -10.03 -6.11 -5.92
CA ALA D 90 -9.13 -4.98 -5.76
C ALA D 90 -7.95 -5.10 -6.71
N PHE D 91 -7.46 -3.95 -7.17
CA PHE D 91 -6.48 -3.84 -8.24
C PHE D 91 -5.28 -3.05 -7.74
N ASP D 92 -4.07 -3.59 -7.97
CA ASP D 92 -2.83 -2.95 -7.61
C ASP D 92 -2.08 -2.47 -8.86
N THR D 93 -1.44 -1.33 -8.74
CA THR D 93 -0.54 -0.82 -9.78
C THR D 93 0.73 -0.33 -9.08
N ASN D 94 1.48 0.55 -9.75
CA ASN D 94 2.74 1.05 -9.17
C ASN D 94 2.44 2.11 -8.13
N ALA D 95 1.90 1.65 -7.00
CA ALA D 95 1.45 2.54 -5.93
C ALA D 95 1.26 1.72 -4.66
N GLY D 96 1.01 2.43 -3.57
CA GLY D 96 0.84 1.82 -2.26
C GLY D 96 -0.60 1.65 -1.82
N LYS D 97 -1.58 1.92 -2.68
CA LYS D 97 -2.99 1.72 -2.37
C LYS D 97 -3.67 0.95 -3.48
N SER D 98 -4.58 0.07 -3.12
CA SER D 98 -5.36 -0.69 -4.08
C SER D 98 -6.66 0.04 -4.41
N THR D 99 -7.15 -0.21 -5.61
CA THR D 99 -8.45 0.29 -6.06
C THR D 99 -9.46 -0.82 -5.84
N PHE D 100 -10.43 -0.59 -4.95
CA PHE D 100 -11.47 -1.56 -4.67
C PHE D 100 -12.70 -1.29 -5.51
N GLY D 101 -13.27 -2.35 -6.07
CA GLY D 101 -14.60 -2.27 -6.62
C GLY D 101 -15.65 -2.18 -5.53
N ASP D 102 -16.90 -1.93 -5.95
CA ASP D 102 -18.01 -1.76 -5.02
C ASP D 102 -18.66 -3.08 -4.62
N GLY D 103 -18.22 -4.19 -5.18
CA GLY D 103 -18.60 -5.50 -4.66
C GLY D 103 -19.84 -6.08 -5.32
N THR D 104 -19.90 -7.41 -5.32
CA THR D 104 -21.08 -8.18 -5.69
C THR D 104 -21.60 -8.86 -4.44
N THR D 105 -22.91 -8.71 -4.16
CA THR D 105 -23.52 -9.26 -2.95
C THR D 105 -24.34 -10.49 -3.33
N LEU D 106 -23.92 -11.65 -2.84
CA LEU D 106 -24.56 -12.92 -3.15
C LEU D 106 -25.45 -13.35 -2.00
N THR D 107 -26.67 -13.79 -2.33
CA THR D 107 -27.59 -14.40 -1.37
C THR D 107 -27.91 -15.80 -1.88
N VAL D 108 -27.55 -16.81 -1.10
CA VAL D 108 -27.85 -18.20 -1.41
C VAL D 108 -29.07 -18.60 -0.59
N LYS D 109 -30.17 -18.86 -1.29
CA LYS D 109 -31.42 -19.23 -0.63
C LYS D 109 -31.40 -20.71 -0.24
N PRO D 110 -31.68 -21.05 1.02
CA PRO D 110 -31.59 -22.46 1.44
C PRO D 110 -32.73 -23.30 0.89
N ASN D 111 -32.46 -24.61 0.79
CA ASN D 111 -33.49 -25.55 0.41
C ASN D 111 -34.39 -25.84 1.61
N ILE D 112 -35.69 -25.84 1.39
CA ILE D 112 -36.69 -26.10 2.42
C ILE D 112 -37.32 -27.44 2.08
N GLN D 113 -37.05 -28.45 2.91
CA GLN D 113 -37.45 -29.82 2.58
C GLN D 113 -38.97 -29.97 2.56
N ASN D 114 -39.65 -29.54 3.62
CA ASN D 114 -41.08 -29.72 3.74
C ASN D 114 -41.70 -28.41 4.17
N PRO D 115 -42.08 -27.55 3.22
CA PRO D 115 -42.70 -26.27 3.58
C PRO D 115 -44.07 -26.48 4.20
N ASP D 116 -44.38 -25.67 5.20
CA ASP D 116 -45.68 -25.72 5.89
C ASP D 116 -46.14 -24.31 6.23
N PRO D 117 -46.33 -23.47 5.21
CA PRO D 117 -46.50 -22.02 5.46
C PRO D 117 -47.68 -21.73 6.37
N ALA D 118 -47.49 -20.75 7.27
CA ALA D 118 -48.50 -20.47 8.28
C ALA D 118 -48.22 -19.11 8.89
N VAL D 119 -49.27 -18.50 9.44
CA VAL D 119 -49.18 -17.24 10.16
C VAL D 119 -49.74 -17.46 11.56
N TYR D 120 -48.90 -17.29 12.58
CA TYR D 120 -49.25 -17.53 13.97
C TYR D 120 -49.22 -16.24 14.76
N GLN D 121 -50.17 -16.08 15.69
CA GLN D 121 -50.19 -14.94 16.59
C GLN D 121 -49.52 -15.35 17.91
N LEU D 122 -48.58 -14.52 18.36
CA LEU D 122 -47.85 -14.77 19.60
C LEU D 122 -48.23 -13.72 20.65
N ARG D 123 -48.32 -14.14 21.90
CA ARG D 123 -48.71 -13.25 22.98
C ARG D 123 -47.50 -12.86 23.82
N ASP D 124 -47.49 -11.62 24.29
CA ASP D 124 -46.42 -11.16 25.17
C ASP D 124 -46.38 -12.00 26.45
N SER D 125 -45.19 -12.09 27.04
CA SER D 125 -44.99 -12.90 28.22
C SER D 125 -45.41 -12.20 29.51
N ALA D 126 -45.35 -10.86 29.53
CA ALA D 126 -45.59 -10.10 30.75
C ALA D 126 -46.72 -9.09 30.59
N SER D 127 -46.44 -7.95 29.97
N SER D 127 -46.43 -7.95 29.98
CA SER D 127 -47.45 -6.91 29.81
CA SER D 127 -47.44 -6.92 29.78
C SER D 127 -48.55 -7.41 28.88
C SER D 127 -48.56 -7.44 28.87
N SER D 128 -49.80 -7.18 29.27
CA SER D 128 -50.94 -7.65 28.51
C SER D 128 -51.14 -6.81 27.25
N ALA D 129 -52.09 -7.24 26.41
CA ALA D 129 -52.59 -6.49 25.27
C ALA D 129 -51.56 -6.30 24.16
N LYS D 130 -50.46 -7.07 24.17
CA LYS D 130 -49.41 -6.95 23.18
CA LYS D 130 -49.41 -6.95 23.18
C LYS D 130 -49.32 -8.23 22.37
N SER D 131 -49.00 -8.10 21.08
CA SER D 131 -48.94 -9.27 20.21
C SER D 131 -48.13 -8.97 18.95
N VAL D 132 -47.65 -10.05 18.33
CA VAL D 132 -46.98 -10.01 17.03
C VAL D 132 -47.48 -11.17 16.20
N CYS D 133 -47.27 -11.09 14.88
CA CYS D 133 -47.62 -12.17 13.97
C CYS D 133 -46.35 -12.76 13.35
N LEU D 134 -46.30 -14.09 13.29
CA LEU D 134 -45.14 -14.82 12.80
C LEU D 134 -45.54 -15.59 11.54
N PHE D 135 -45.04 -15.13 10.40
CA PHE D 135 -45.17 -15.84 9.13
C PHE D 135 -43.98 -16.77 9.00
N THR D 136 -44.22 -18.08 8.91
CA THR D 136 -43.13 -19.03 9.08
C THR D 136 -43.36 -20.27 8.22
N ASP D 137 -42.26 -20.96 7.94
CA ASP D 137 -42.23 -22.28 7.32
C ASP D 137 -42.62 -22.24 5.83
N PHE D 138 -42.44 -21.09 5.19
CA PHE D 138 -42.59 -20.99 3.74
C PHE D 138 -41.26 -21.29 3.05
N ASP D 139 -41.33 -21.70 1.78
CA ASP D 139 -40.12 -21.96 1.03
C ASP D 139 -39.56 -20.67 0.46
N SER D 140 -38.45 -20.77 -0.24
CA SER D 140 -37.67 -19.59 -0.58
C SER D 140 -38.20 -18.85 -1.80
N GLN D 141 -39.20 -19.41 -2.51
CA GLN D 141 -39.85 -18.66 -3.57
C GLN D 141 -40.68 -17.49 -3.01
N THR D 142 -41.07 -17.55 -1.75
CA THR D 142 -41.89 -16.49 -1.16
C THR D 142 -41.04 -15.26 -0.88
N ASN D 143 -41.55 -14.09 -1.26
CA ASN D 143 -40.94 -12.81 -0.98
C ASN D 143 -41.83 -12.01 -0.03
N VAL D 144 -41.23 -11.42 0.99
CA VAL D 144 -41.98 -10.63 1.97
C VAL D 144 -41.76 -9.16 1.66
N SER D 145 -42.85 -8.41 1.57
CA SER D 145 -42.83 -6.99 1.29
C SER D 145 -43.13 -6.20 2.56
N GLN D 146 -42.72 -4.94 2.56
CA GLN D 146 -43.06 -4.04 3.64
C GLN D 146 -44.56 -3.72 3.60
N SER D 147 -45.08 -3.24 4.72
CA SER D 147 -46.47 -2.87 4.79
C SER D 147 -46.69 -1.50 4.15
N LYS D 148 -47.93 -1.26 3.72
CA LYS D 148 -48.36 0.04 3.24
C LYS D 148 -48.87 0.93 4.37
N ASP D 149 -48.65 0.53 5.62
CA ASP D 149 -49.19 1.18 6.81
C ASP D 149 -48.03 1.54 7.76
N ASP D 150 -48.37 2.13 8.91
CA ASP D 150 -47.41 2.27 10.00
C ASP D 150 -47.30 0.99 10.82
N VAL D 151 -47.34 -0.13 10.12
CA VAL D 151 -47.11 -1.46 10.66
C VAL D 151 -45.68 -1.82 10.33
N TYR D 152 -45.04 -2.55 11.25
CA TYR D 152 -43.63 -2.91 11.13
C TYR D 152 -43.51 -4.37 10.71
N ILE D 153 -42.70 -4.61 9.68
CA ILE D 153 -42.51 -5.95 9.13
C ILE D 153 -41.02 -6.14 8.85
N THR D 154 -40.43 -7.17 9.44
CA THR D 154 -39.04 -7.52 9.22
C THR D 154 -38.90 -8.33 7.94
N ASP D 155 -37.67 -8.45 7.47
CA ASP D 155 -37.40 -9.25 6.31
C ASP D 155 -37.35 -10.74 6.67
N LYS D 156 -37.44 -11.57 5.63
CA LYS D 156 -37.23 -13.00 5.75
C LYS D 156 -35.91 -13.32 6.44
N CYS D 157 -35.94 -14.28 7.37
CA CYS D 157 -34.80 -14.71 8.18
C CYS D 157 -34.80 -16.24 8.21
N VAL D 158 -33.61 -16.85 8.20
CA VAL D 158 -33.47 -18.30 8.24
C VAL D 158 -32.86 -18.71 9.57
N LEU D 159 -33.51 -19.63 10.27
CA LEU D 159 -32.95 -20.24 11.47
C LEU D 159 -32.71 -21.72 11.22
N ASP D 160 -31.71 -22.25 11.91
CA ASP D 160 -31.21 -23.62 11.70
C ASP D 160 -31.22 -24.34 13.03
N MET D 161 -32.05 -25.38 13.14
CA MET D 161 -32.09 -26.23 14.34
C MET D 161 -31.15 -27.40 14.08
N ARG D 162 -29.89 -27.22 14.47
CA ARG D 162 -28.81 -28.11 14.01
C ARG D 162 -29.11 -29.57 14.33
N SER D 163 -29.45 -29.86 15.59
CA SER D 163 -29.58 -31.25 16.01
C SER D 163 -30.69 -31.98 15.26
N MET D 164 -31.70 -31.26 14.80
CA MET D 164 -32.82 -31.85 14.06
C MET D 164 -32.66 -31.73 12.56
N ASP D 165 -31.54 -31.18 12.08
CA ASP D 165 -31.30 -31.03 10.64
C ASP D 165 -32.49 -30.37 9.95
N PHE D 166 -32.89 -29.22 10.51
CA PHE D 166 -34.12 -28.55 10.10
C PHE D 166 -33.86 -27.06 9.97
N LYS D 167 -34.36 -26.48 8.88
CA LYS D 167 -34.27 -25.04 8.64
C LYS D 167 -35.64 -24.51 8.28
N SER D 168 -35.89 -23.25 8.63
CA SER D 168 -37.16 -22.62 8.32
C SER D 168 -37.00 -21.11 8.19
N ASN D 169 -37.75 -20.55 7.26
CA ASN D 169 -37.84 -19.11 7.06
C ASN D 169 -38.91 -18.53 7.96
N SER D 170 -38.72 -17.27 8.35
CA SER D 170 -39.79 -16.57 9.05
C SER D 170 -39.65 -15.07 8.84
N ALA D 171 -40.77 -14.38 9.06
CA ALA D 171 -40.86 -12.93 9.09
C ALA D 171 -41.80 -12.54 10.24
N VAL D 172 -41.56 -11.37 10.82
CA VAL D 172 -42.31 -10.89 11.97
C VAL D 172 -43.00 -9.60 11.60
N ALA D 173 -44.29 -9.51 11.91
CA ALA D 173 -45.06 -8.28 11.77
C ALA D 173 -45.65 -7.92 13.12
N TRP D 174 -45.63 -6.62 13.46
CA TRP D 174 -46.24 -6.17 14.69
C TRP D 174 -46.74 -4.74 14.51
N SER D 175 -47.64 -4.34 15.40
CA SER D 175 -48.26 -3.02 15.40
C SER D 175 -49.17 -2.94 16.62
N ASN D 176 -49.46 -1.71 17.04
CA ASN D 176 -50.39 -1.47 18.14
C ASN D 176 -51.69 -0.83 17.65
N LYS D 177 -51.97 -0.92 16.35
CA LYS D 177 -53.21 -0.39 15.80
C LYS D 177 -54.37 -1.36 16.06
N SER D 178 -55.57 -0.80 16.09
CA SER D 178 -56.76 -1.60 16.40
C SER D 178 -57.13 -2.53 15.25
N ASP D 179 -56.80 -2.16 14.01
CA ASP D 179 -57.15 -2.97 12.85
C ASP D 179 -56.17 -4.09 12.59
N PHE D 180 -55.01 -4.10 13.25
CA PHE D 180 -53.95 -5.04 12.89
C PHE D 180 -54.29 -6.43 13.39
N ALA D 181 -54.39 -7.37 12.45
CA ALA D 181 -54.64 -8.77 12.77
C ALA D 181 -53.79 -9.62 11.84
N CYS D 182 -53.45 -10.83 12.31
CA CYS D 182 -52.61 -11.72 11.52
C CYS D 182 -53.26 -12.10 10.20
N ALA D 183 -54.59 -12.06 10.14
CA ALA D 183 -55.27 -12.34 8.87
C ALA D 183 -54.88 -11.33 7.79
N ASN D 184 -54.55 -10.10 8.18
CA ASN D 184 -54.28 -9.03 7.24
C ASN D 184 -52.83 -8.53 7.29
N ALA D 185 -52.00 -9.07 8.19
CA ALA D 185 -50.71 -8.43 8.45
C ALA D 185 -49.82 -8.47 7.21
N PHE D 186 -49.79 -9.60 6.51
CA PHE D 186 -48.92 -9.78 5.35
C PHE D 186 -49.66 -9.65 4.02
N ASN D 187 -50.71 -8.85 3.99
CA ASN D 187 -51.54 -8.73 2.79
C ASN D 187 -50.75 -8.20 1.61
N ASN D 188 -49.72 -7.39 1.86
CA ASN D 188 -48.95 -6.77 0.78
C ASN D 188 -47.91 -7.69 0.18
N SER D 189 -47.82 -8.93 0.66
CA SER D 189 -46.96 -9.95 0.10
C SER D 189 -47.81 -10.99 -0.61
N ILE D 190 -47.25 -11.59 -1.66
CA ILE D 190 -47.89 -12.72 -2.31
C ILE D 190 -47.52 -13.98 -1.52
N ILE D 191 -48.52 -14.53 -0.82
CA ILE D 191 -48.37 -15.60 0.15
C ILE D 191 -48.70 -16.92 -0.52
N PRO D 192 -48.16 -18.04 -0.06
CA PRO D 192 -48.55 -19.33 -0.66
C PRO D 192 -50.04 -19.54 -0.54
N GLU D 193 -50.62 -20.12 -1.60
CA GLU D 193 -52.06 -20.32 -1.63
C GLU D 193 -52.54 -21.15 -0.45
N ASP D 194 -51.73 -22.09 0.04
CA ASP D 194 -52.15 -22.99 1.10
C ASP D 194 -51.58 -22.59 2.47
N THR D 195 -51.37 -21.30 2.69
CA THR D 195 -50.86 -20.83 3.98
C THR D 195 -51.90 -21.05 5.08
N PHE D 196 -51.46 -21.64 6.18
CA PHE D 196 -52.34 -22.03 7.28
C PHE D 196 -52.60 -20.83 8.19
N PHE D 197 -53.88 -20.49 8.37
CA PHE D 197 -54.30 -19.44 9.29
C PHE D 197 -55.09 -20.07 10.42
N PRO D 198 -54.49 -20.29 11.60
CA PRO D 198 -55.21 -20.99 12.68
C PRO D 198 -56.47 -20.25 13.11
N SER D 199 -57.50 -21.03 13.42
CA SER D 199 -58.77 -20.51 13.88
C SER D 199 -58.62 -19.88 15.27
N PRO D 200 -59.48 -18.90 15.63
CA PRO D 200 -59.39 -18.14 16.88
C PRO D 200 -58.14 -18.37 17.73
N ILE E 1 0.46 -15.71 14.81
CA ILE E 1 0.54 -14.88 13.61
C ILE E 1 0.41 -13.40 13.99
N GLY E 2 -0.23 -13.15 15.12
CA GLY E 2 -0.63 -11.80 15.47
C GLY E 2 -1.98 -11.47 14.90
N GLY E 3 -2.33 -10.18 14.97
CA GLY E 3 -3.59 -9.74 14.44
C GLY E 3 -3.65 -8.24 14.31
N ILE E 4 -4.79 -7.76 13.85
CA ILE E 4 -5.07 -6.33 13.73
C ILE E 4 -6.39 -6.07 14.45
N THR E 5 -6.38 -5.11 15.37
CA THR E 5 -7.52 -4.83 16.22
C THR E 5 -7.92 -3.37 16.11
N GLN E 6 -9.20 -3.11 16.39
CA GLN E 6 -9.73 -1.77 16.49
C GLN E 6 -10.56 -1.68 17.76
N SER E 7 -10.54 -0.51 18.39
CA SER E 7 -11.37 -0.27 19.55
C SER E 7 -11.80 1.18 19.62
N PRO E 8 -12.98 1.45 20.21
CA PRO E 8 -13.97 0.47 20.66
C PRO E 8 -14.89 0.02 19.54
N LYS E 9 -15.69 -1.01 19.77
CA LYS E 9 -16.59 -1.50 18.73
C LYS E 9 -17.66 -0.46 18.38
N TYR E 10 -18.12 0.30 19.36
CA TYR E 10 -19.14 1.31 19.15
C TYR E 10 -18.69 2.65 19.72
N LEU E 11 -18.83 3.71 18.93
CA LEU E 11 -18.55 5.06 19.40
C LEU E 11 -19.75 5.96 19.13
N PHE E 12 -20.07 6.81 20.10
CA PHE E 12 -21.17 7.75 19.98
C PHE E 12 -20.72 9.09 20.55
N ARG E 13 -20.99 10.16 19.81
CA ARG E 13 -20.49 11.48 20.16
C ARG E 13 -21.51 12.54 19.77
N LYS E 14 -21.43 13.68 20.44
CA LYS E 14 -22.22 14.85 20.09
C LYS E 14 -21.53 15.60 18.96
N GLU E 15 -22.32 16.13 18.03
CA GLU E 15 -21.76 16.86 16.92
C GLU E 15 -20.89 18.00 17.41
N GLY E 16 -19.74 18.20 16.77
CA GLY E 16 -18.80 19.23 17.15
C GLY E 16 -17.64 18.75 17.99
N GLN E 17 -17.70 17.54 18.52
CA GLN E 17 -16.61 16.97 19.30
C GLN E 17 -15.68 16.17 18.40
N ASN E 18 -14.39 16.21 18.71
CA ASN E 18 -13.40 15.39 18.02
C ASN E 18 -13.30 14.02 18.69
N VAL E 19 -13.02 13.01 17.89
CA VAL E 19 -12.85 11.65 18.39
C VAL E 19 -11.75 10.97 17.58
N THR E 20 -10.97 10.12 18.25
CA THR E 20 -9.90 9.38 17.63
C THR E 20 -10.19 7.89 17.72
N LEU E 21 -10.09 7.20 16.58
CA LEU E 21 -10.32 5.77 16.49
C LEU E 21 -8.99 5.04 16.48
N SER E 22 -8.86 4.00 17.29
CA SER E 22 -7.60 3.29 17.45
C SER E 22 -7.52 2.14 16.45
N CYS E 23 -6.31 1.89 15.95
CA CYS E 23 -6.03 0.73 15.10
C CYS E 23 -4.63 0.23 15.38
N GLU E 24 -4.50 -1.05 15.73
CA GLU E 24 -3.23 -1.62 16.17
C GLU E 24 -3.01 -2.98 15.51
N GLN E 25 -1.77 -3.26 15.11
CA GLN E 25 -1.46 -4.53 14.49
C GLN E 25 -0.06 -4.98 14.86
N ASN E 26 0.07 -6.23 15.28
CA ASN E 26 1.36 -6.88 15.54
C ASN E 26 1.62 -7.94 14.49
N LEU E 27 1.17 -7.69 13.26
CA LEU E 27 1.40 -8.55 12.11
C LEU E 27 2.73 -8.31 11.44
N ASN E 28 3.53 -7.36 11.92
CA ASN E 28 4.78 -6.99 11.27
C ASN E 28 4.54 -6.36 9.90
N HIS E 29 3.42 -5.65 9.75
CA HIS E 29 3.09 -4.98 8.50
C HIS E 29 3.56 -3.53 8.53
N ASP E 30 4.05 -3.04 7.40
CA ASP E 30 4.48 -1.64 7.31
C ASP E 30 3.38 -0.72 6.80
N ALA E 31 2.46 -1.24 5.99
CA ALA E 31 1.44 -0.44 5.36
C ALA E 31 0.12 -0.58 6.12
N MET E 32 -0.53 0.54 6.39
CA MET E 32 -1.82 0.54 7.06
C MET E 32 -2.77 1.50 6.36
N TYR E 33 -4.07 1.26 6.53
CA TYR E 33 -5.13 1.90 5.74
C TYR E 33 -6.36 2.19 6.59
N TRP E 34 -7.06 3.27 6.25
CA TRP E 34 -8.34 3.60 6.86
C TRP E 34 -9.42 3.75 5.80
N TYR E 35 -10.53 3.02 5.98
CA TYR E 35 -11.68 3.08 5.12
C TYR E 35 -12.91 3.51 5.91
N ARG E 36 -13.88 4.08 5.21
CA ARG E 36 -15.22 4.20 5.73
C ARG E 36 -16.20 3.60 4.75
N GLN E 37 -17.34 3.16 5.28
CA GLN E 37 -18.38 2.53 4.48
C GLN E 37 -19.70 3.10 4.95
N ASP E 38 -20.48 3.55 4.00
CA ASP E 38 -21.85 3.94 4.31
C ASP E 38 -22.80 2.81 3.94
N PRO E 39 -23.96 2.71 4.58
CA PRO E 39 -24.88 1.60 4.29
C PRO E 39 -25.20 1.53 2.80
N GLY E 40 -24.97 0.35 2.22
CA GLY E 40 -25.22 0.13 0.82
C GLY E 40 -24.06 0.47 -0.10
N GLN E 41 -23.07 1.20 0.39
CA GLN E 41 -21.96 1.65 -0.44
C GLN E 41 -20.72 0.80 -0.18
N GLY E 42 -19.69 1.04 -0.98
CA GLY E 42 -18.45 0.30 -0.90
C GLY E 42 -17.50 0.93 0.12
N LEU E 43 -16.27 0.44 0.08
CA LEU E 43 -15.20 1.04 0.87
C LEU E 43 -14.69 2.30 0.19
N ARG E 44 -14.42 3.33 0.99
CA ARG E 44 -13.81 4.56 0.50
C ARG E 44 -12.57 4.84 1.33
N LEU E 45 -11.45 5.03 0.65
CA LEU E 45 -10.15 5.16 1.30
C LEU E 45 -9.99 6.58 1.87
N ILE E 46 -9.73 6.67 3.17
CA ILE E 46 -9.55 7.96 3.83
C ILE E 46 -8.09 8.38 3.86
N TYR E 47 -7.22 7.48 4.33
CA TYR E 47 -5.82 7.78 4.55
C TYR E 47 -5.07 6.46 4.51
N TYR E 48 -3.78 6.53 4.14
CA TYR E 48 -2.93 5.35 4.22
C TYR E 48 -1.51 5.78 4.56
N SER E 49 -0.73 4.80 5.03
CA SER E 49 0.65 5.02 5.46
C SER E 49 1.45 3.79 5.06
N GLN E 50 2.49 3.99 4.25
CA GLN E 50 3.29 2.87 3.78
C GLN E 50 4.43 2.52 4.72
N ILE E 51 4.74 3.37 5.70
CA ILE E 51 5.91 3.23 6.55
C ILE E 51 5.78 4.25 7.67
N VAL E 52 6.40 3.97 8.83
CA VAL E 52 6.37 4.91 9.95
C VAL E 52 6.77 6.29 9.44
N ASN E 53 6.18 7.32 10.04
CA ASN E 53 6.49 8.71 9.75
C ASN E 53 6.15 9.11 8.32
N ASP E 54 5.15 8.46 7.73
CA ASP E 54 4.70 8.82 6.39
C ASP E 54 3.22 8.49 6.27
N PHE E 55 2.43 9.45 5.79
CA PHE E 55 1.03 9.15 5.51
C PHE E 55 0.59 9.97 4.30
N GLN E 56 -0.42 9.48 3.60
CA GLN E 56 -0.91 10.12 2.39
C GLN E 56 -2.43 10.06 2.35
N LYS E 57 -3.03 11.12 1.83
CA LYS E 57 -4.47 11.21 1.75
C LYS E 57 -5.04 10.17 0.78
N GLY E 58 -6.22 9.67 1.12
CA GLY E 58 -7.01 8.86 0.20
C GLY E 58 -7.92 9.74 -0.62
N ASP E 59 -9.06 9.17 -1.03
CA ASP E 59 -10.00 9.91 -1.85
C ASP E 59 -10.93 10.81 -1.03
N ILE E 60 -11.09 10.55 0.26
CA ILE E 60 -12.02 11.32 1.08
C ILE E 60 -11.36 11.71 2.40
N ALA E 61 -10.25 12.44 2.31
CA ALA E 61 -9.49 12.79 3.50
C ALA E 61 -10.00 14.03 4.20
N ALA E 62 -10.75 14.89 3.53
CA ALA E 62 -11.17 16.15 4.13
C ALA E 62 -11.88 15.89 5.45
N GLY E 63 -11.46 16.62 6.49
CA GLY E 63 -12.04 16.48 7.81
C GLY E 63 -11.40 15.44 8.69
N TYR E 64 -10.45 14.66 8.17
CA TYR E 64 -9.75 13.63 8.92
C TYR E 64 -8.27 13.97 9.05
N SER E 65 -7.62 13.34 10.02
CA SER E 65 -6.18 13.43 10.16
C SER E 65 -5.67 12.14 10.76
N VAL E 66 -4.42 11.80 10.45
CA VAL E 66 -3.77 10.61 10.98
C VAL E 66 -2.37 10.97 11.43
N SER E 67 -1.77 10.04 12.17
CA SER E 67 -0.35 10.09 12.51
C SER E 67 0.18 8.67 12.41
N ARG E 68 1.50 8.55 12.24
CA ARG E 68 2.13 7.24 12.17
C ARG E 68 3.51 7.37 12.81
N GLU E 69 3.51 7.63 14.11
CA GLU E 69 4.76 7.69 14.86
C GLU E 69 5.34 6.31 15.12
N LYS E 70 4.50 5.26 15.08
CA LYS E 70 4.90 3.91 15.42
C LYS E 70 4.38 2.95 14.37
N LYS E 71 5.19 1.93 14.08
CA LYS E 71 4.80 0.93 13.08
C LYS E 71 3.48 0.26 13.44
N GLU E 72 3.26 0.01 14.73
CA GLU E 72 2.15 -0.82 15.15
C GLU E 72 0.82 -0.09 15.23
N SER E 73 0.79 1.24 15.06
CA SER E 73 -0.41 2.01 15.35
C SER E 73 -0.66 3.07 14.27
N PHE E 74 -1.94 3.27 13.95
CA PHE E 74 -2.36 4.21 12.92
C PHE E 74 -3.67 4.85 13.33
N PRO E 75 -3.63 5.84 14.22
CA PRO E 75 -4.88 6.39 14.75
C PRO E 75 -5.51 7.42 13.81
N LEU E 76 -6.83 7.36 13.70
CA LEU E 76 -7.61 8.24 12.83
C LEU E 76 -8.41 9.21 13.68
N THR E 77 -8.25 10.51 13.43
CA THR E 77 -9.03 11.52 14.11
C THR E 77 -10.12 12.03 13.16
N VAL E 78 -11.36 12.03 13.64
CA VAL E 78 -12.49 12.63 12.94
C VAL E 78 -12.64 14.02 13.54
N THR E 79 -12.23 15.06 12.80
CA THR E 79 -12.32 16.41 13.33
C THR E 79 -13.75 16.95 13.17
N SER E 80 -13.99 18.11 13.77
CA SER E 80 -15.29 18.77 13.63
C SER E 80 -15.58 19.12 12.18
N ALA E 81 -14.53 19.27 11.35
CA ALA E 81 -14.73 19.70 9.98
C ALA E 81 -15.42 18.63 9.14
N GLN E 82 -15.31 17.37 9.53
CA GLN E 82 -15.93 16.30 8.76
C GLN E 82 -17.44 16.49 8.76
N LYS E 83 -18.04 16.47 7.55
CA LYS E 83 -19.43 16.88 7.40
C LYS E 83 -20.41 15.77 7.77
N ASN E 84 -20.10 14.51 7.43
CA ASN E 84 -20.96 13.38 7.74
C ASN E 84 -20.15 12.32 8.47
N PRO E 85 -19.85 12.53 9.75
CA PRO E 85 -18.97 11.59 10.46
C PRO E 85 -19.55 10.21 10.61
N THR E 86 -20.87 10.10 10.79
CA THR E 86 -21.49 8.80 11.03
C THR E 86 -21.19 7.84 9.88
N ALA E 87 -20.58 6.72 10.22
CA ALA E 87 -20.23 5.70 9.24
C ALA E 87 -19.63 4.52 9.99
N PHE E 88 -19.36 3.45 9.24
CA PHE E 88 -18.59 2.31 9.71
C PHE E 88 -17.15 2.48 9.21
N TYR E 89 -16.19 2.34 10.12
CA TYR E 89 -14.79 2.68 9.86
C TYR E 89 -13.95 1.42 10.00
N LEU E 90 -13.22 1.07 8.94
CA LEU E 90 -12.42 -0.15 8.90
C LEU E 90 -10.95 0.20 8.71
N CYS E 91 -10.10 -0.41 9.53
CA CYS E 91 -8.66 -0.34 9.41
C CYS E 91 -8.15 -1.62 8.77
N ALA E 92 -7.02 -1.52 8.06
CA ALA E 92 -6.43 -2.68 7.40
C ALA E 92 -4.92 -2.52 7.31
N SER E 93 -4.23 -3.61 6.99
CA SER E 93 -2.78 -3.58 6.85
C SER E 93 -2.31 -4.64 5.86
N SER E 94 -1.09 -4.43 5.36
CA SER E 94 -0.44 -5.39 4.48
C SER E 94 1.07 -5.25 4.66
N ILE E 95 1.80 -6.29 4.24
CA ILE E 95 3.25 -6.30 4.46
C ILE E 95 3.89 -5.07 3.83
N PHE E 96 3.59 -4.79 2.55
CA PHE E 96 4.26 -3.66 1.88
C PHE E 96 3.40 -2.95 0.84
N GLY E 97 2.09 -2.88 1.05
CA GLY E 97 1.27 -2.03 0.20
C GLY E 97 1.04 -2.58 -1.19
N GLN E 98 1.21 -3.88 -1.35
CA GLN E 98 0.83 -4.61 -2.54
C GLN E 98 0.18 -5.90 -2.05
N ARG E 99 -0.61 -6.53 -2.91
CA ARG E 99 -1.21 -7.82 -2.58
C ARG E 99 -2.19 -7.70 -1.41
N GLU E 100 -2.53 -8.81 -0.75
CA GLU E 100 -3.74 -8.83 0.05
C GLU E 100 -3.60 -8.04 1.35
N GLN E 101 -4.70 -7.40 1.74
CA GLN E 101 -4.80 -6.67 2.99
C GLN E 101 -5.51 -7.50 4.05
N TYR E 102 -5.30 -7.09 5.29
CA TYR E 102 -5.87 -7.74 6.47
C TYR E 102 -6.65 -6.69 7.23
N PHE E 103 -7.94 -6.95 7.44
CA PHE E 103 -8.85 -5.96 8.00
C PHE E 103 -9.10 -6.23 9.48
N GLY E 104 -9.15 -5.15 10.27
CA GLY E 104 -9.63 -5.23 11.62
C GLY E 104 -11.13 -5.39 11.66
N PRO E 105 -11.67 -5.43 12.89
CA PRO E 105 -13.09 -5.73 13.06
C PRO E 105 -14.03 -4.54 12.80
N GLY E 106 -13.51 -3.33 12.73
CA GLY E 106 -14.35 -2.18 12.40
C GLY E 106 -14.94 -1.51 13.62
N THR E 107 -15.18 -0.20 13.48
CA THR E 107 -15.81 0.63 14.50
C THR E 107 -17.02 1.33 13.91
N ARG E 108 -18.15 1.23 14.59
CA ARG E 108 -19.39 1.91 14.20
C ARG E 108 -19.45 3.23 14.97
N LEU E 109 -19.45 4.35 14.26
CA LEU E 109 -19.46 5.68 14.86
C LEU E 109 -20.73 6.40 14.47
N THR E 110 -21.44 6.93 15.47
CA THR E 110 -22.65 7.70 15.26
C THR E 110 -22.50 9.05 15.95
N VAL E 111 -22.84 10.13 15.24
CA VAL E 111 -22.88 11.47 15.82
C VAL E 111 -24.30 11.98 15.71
N THR E 112 -24.74 12.74 16.72
CA THR E 112 -26.09 13.28 16.77
C THR E 112 -26.04 14.77 17.03
N GLU E 113 -27.04 15.47 16.52
CA GLU E 113 -27.15 16.91 16.75
C GLU E 113 -27.53 17.20 18.20
N ASP E 114 -28.34 16.33 18.82
CA ASP E 114 -28.85 16.56 20.16
C ASP E 114 -28.75 15.27 20.97
N LEU E 115 -28.34 15.40 22.23
CA LEU E 115 -28.19 14.26 23.12
C LEU E 115 -29.51 13.75 23.67
N LYS E 116 -30.57 14.58 23.65
CA LYS E 116 -31.88 14.14 24.08
C LYS E 116 -32.49 13.10 23.14
N ASN E 117 -31.84 12.84 22.00
CA ASN E 117 -32.31 11.82 21.06
C ASN E 117 -31.90 10.40 21.47
N VAL E 118 -31.12 10.25 22.52
CA VAL E 118 -30.64 8.93 22.93
C VAL E 118 -31.70 8.26 23.79
N PHE E 119 -32.07 7.03 23.42
CA PHE E 119 -33.05 6.25 24.14
C PHE E 119 -32.55 4.81 24.25
N PRO E 120 -32.71 4.17 25.40
CA PRO E 120 -32.38 2.75 25.51
C PRO E 120 -33.50 1.91 24.92
N PRO E 121 -33.24 0.64 24.65
CA PRO E 121 -34.30 -0.22 24.09
C PRO E 121 -35.24 -0.74 25.17
N GLU E 122 -36.49 -0.91 24.76
CA GLU E 122 -37.46 -1.72 25.51
C GLU E 122 -37.50 -3.11 24.88
N VAL E 123 -37.45 -4.14 25.72
CA VAL E 123 -37.32 -5.52 25.26
C VAL E 123 -38.52 -6.31 25.74
N ALA E 124 -39.10 -7.11 24.83
CA ALA E 124 -40.26 -7.92 25.16
C ALA E 124 -40.14 -9.26 24.46
N VAL E 125 -40.55 -10.32 25.15
CA VAL E 125 -40.54 -11.66 24.59
C VAL E 125 -41.97 -12.13 24.45
N PHE E 126 -42.28 -12.70 23.30
CA PHE E 126 -43.62 -13.18 22.96
C PHE E 126 -43.55 -14.69 22.87
N GLU E 127 -44.48 -15.36 23.54
CA GLU E 127 -44.38 -16.80 23.76
C GLU E 127 -45.02 -17.58 22.62
N PRO E 128 -44.56 -18.81 22.37
CA PRO E 128 -45.01 -19.54 21.18
C PRO E 128 -46.53 -19.72 21.14
N SER E 129 -47.05 -19.71 19.92
CA SER E 129 -48.46 -19.96 19.68
C SER E 129 -48.79 -21.43 19.94
N GLU E 130 -49.93 -21.67 20.58
CA GLU E 130 -50.38 -23.04 20.77
C GLU E 130 -50.80 -23.68 19.44
N ALA E 131 -51.20 -22.88 18.47
CA ALA E 131 -51.46 -23.41 17.13
C ALA E 131 -50.17 -23.90 16.47
N GLU E 132 -49.07 -23.17 16.65
CA GLU E 132 -47.79 -23.62 16.11
C GLU E 132 -47.40 -24.97 16.70
N ILE E 133 -47.47 -25.09 18.03
CA ILE E 133 -47.07 -26.32 18.70
C ILE E 133 -47.88 -27.49 18.17
N SER E 134 -49.19 -27.29 18.00
CA SER E 134 -50.07 -28.36 17.55
C SER E 134 -49.87 -28.68 16.09
N HIS E 135 -49.57 -27.68 15.27
CA HIS E 135 -49.42 -27.89 13.84
C HIS E 135 -48.06 -28.48 13.48
N THR E 136 -47.00 -28.10 14.20
CA THR E 136 -45.64 -28.43 13.82
C THR E 136 -44.85 -29.15 14.91
N GLN E 137 -45.34 -29.21 16.14
CA GLN E 137 -44.57 -29.75 17.27
C GLN E 137 -43.26 -29.01 17.47
N LYS E 138 -43.22 -27.73 17.07
CA LYS E 138 -42.13 -26.83 17.37
C LYS E 138 -42.73 -25.56 17.97
N ALA E 139 -41.86 -24.75 18.57
CA ALA E 139 -42.30 -23.56 19.30
C ALA E 139 -41.32 -22.44 19.07
N THR E 140 -41.80 -21.32 18.54
CA THR E 140 -40.96 -20.17 18.21
C THR E 140 -41.26 -19.05 19.21
N LEU E 141 -40.21 -18.58 19.88
CA LEU E 141 -40.26 -17.36 20.68
C LEU E 141 -39.75 -16.19 19.87
N VAL E 142 -40.37 -15.03 20.04
CA VAL E 142 -39.96 -13.82 19.35
C VAL E 142 -39.59 -12.77 20.39
N CYS E 143 -38.41 -12.17 20.22
CA CYS E 143 -37.96 -11.04 21.00
C CYS E 143 -38.04 -9.77 20.14
N LEU E 144 -38.56 -8.70 20.72
CA LEU E 144 -38.59 -7.38 20.08
C LEU E 144 -37.83 -6.40 20.94
N ALA E 145 -36.81 -5.76 20.37
CA ALA E 145 -36.16 -4.60 20.94
C ALA E 145 -36.60 -3.38 20.15
N THR E 146 -37.16 -2.38 20.85
CA THR E 146 -37.86 -1.29 20.19
C THR E 146 -37.51 0.04 20.85
N GLY E 147 -37.45 1.08 20.03
CA GLY E 147 -37.29 2.44 20.52
C GLY E 147 -35.91 2.81 21.03
N PHE E 148 -34.84 2.33 20.38
CA PHE E 148 -33.50 2.66 20.82
C PHE E 148 -32.79 3.55 19.80
N TYR E 149 -31.88 4.37 20.31
CA TYR E 149 -30.98 5.18 19.48
C TYR E 149 -29.76 5.54 20.30
N PRO E 150 -28.55 5.38 19.72
CA PRO E 150 -28.27 4.93 18.35
C PRO E 150 -28.50 3.44 18.17
N ASP E 151 -28.31 2.93 16.94
CA ASP E 151 -28.54 1.52 16.66
C ASP E 151 -27.31 0.70 17.04
N HIS E 152 -26.85 0.85 18.27
CA HIS E 152 -25.68 0.14 18.79
C HIS E 152 -26.16 -0.87 19.82
N VAL E 153 -26.59 -2.04 19.33
CA VAL E 153 -27.13 -3.08 20.20
C VAL E 153 -26.57 -4.43 19.78
N GLU E 154 -26.41 -5.31 20.77
CA GLU E 154 -26.06 -6.71 20.55
C GLU E 154 -27.10 -7.56 21.28
N LEU E 155 -27.77 -8.45 20.55
CA LEU E 155 -28.85 -9.26 21.08
C LEU E 155 -28.41 -10.71 21.16
N SER E 156 -28.75 -11.36 22.28
CA SER E 156 -28.40 -12.75 22.52
C SER E 156 -29.56 -13.46 23.22
N TRP E 157 -29.62 -14.77 23.02
CA TRP E 157 -30.62 -15.63 23.66
C TRP E 157 -29.91 -16.49 24.70
N TRP E 158 -30.52 -16.59 25.89
CA TRP E 158 -29.96 -17.35 27.00
C TRP E 158 -30.99 -18.37 27.46
N VAL E 159 -30.60 -19.64 27.45
CA VAL E 159 -31.48 -20.76 27.81
C VAL E 159 -30.84 -21.43 29.03
N ASN E 160 -31.56 -21.38 30.15
CA ASN E 160 -31.08 -21.97 31.39
C ASN E 160 -29.69 -21.46 31.75
N GLY E 161 -29.48 -20.16 31.54
CA GLY E 161 -28.27 -19.48 31.97
C GLY E 161 -27.10 -19.57 31.00
N LYS E 162 -27.27 -20.18 29.83
CA LYS E 162 -26.21 -20.38 28.86
C LYS E 162 -26.63 -19.81 27.52
N GLU E 163 -25.74 -19.04 26.89
CA GLU E 163 -26.08 -18.45 25.60
C GLU E 163 -26.18 -19.54 24.55
N VAL E 164 -27.14 -19.37 23.64
CA VAL E 164 -27.47 -20.40 22.66
C VAL E 164 -27.43 -19.78 21.28
N HIS E 165 -27.19 -20.62 20.26
CA HIS E 165 -27.12 -20.14 18.89
C HIS E 165 -27.96 -21.00 17.95
N SER E 166 -28.05 -22.30 18.23
CA SER E 166 -28.90 -23.16 17.43
C SER E 166 -30.34 -22.69 17.51
N GLY E 167 -31.00 -22.61 16.35
CA GLY E 167 -32.38 -22.21 16.27
C GLY E 167 -32.64 -20.73 16.45
N VAL E 168 -31.62 -19.89 16.34
CA VAL E 168 -31.74 -18.44 16.51
C VAL E 168 -31.57 -17.77 15.15
N CYS E 169 -32.39 -16.76 14.88
CA CYS E 169 -32.18 -15.85 13.75
C CYS E 169 -32.51 -14.44 14.20
N THR E 170 -31.56 -13.54 14.07
CA THR E 170 -31.76 -12.12 14.37
C THR E 170 -31.66 -11.32 13.07
N ASP E 171 -32.45 -10.26 12.97
CA ASP E 171 -32.40 -9.43 11.77
C ASP E 171 -30.97 -8.93 11.55
N PRO E 172 -30.50 -8.88 10.30
CA PRO E 172 -29.13 -8.35 10.08
C PRO E 172 -28.96 -6.92 10.52
N GLN E 173 -30.02 -6.10 10.49
CA GLN E 173 -29.90 -4.69 10.84
C GLN E 173 -31.19 -4.19 11.46
N PRO E 174 -31.11 -3.21 12.36
CA PRO E 174 -32.34 -2.59 12.87
C PRO E 174 -33.06 -1.78 11.81
N LEU E 175 -34.37 -1.64 11.99
CA LEU E 175 -35.21 -0.87 11.08
C LEU E 175 -35.63 0.44 11.73
N LYS E 176 -35.57 1.52 10.95
CA LYS E 176 -35.99 2.83 11.43
C LYS E 176 -37.51 2.87 11.59
N GLU E 177 -37.97 3.30 12.77
CA GLU E 177 -39.40 3.36 13.05
C GLU E 177 -40.07 4.58 12.43
N GLN E 178 -39.31 5.63 12.14
CA GLN E 178 -39.79 6.81 11.41
C GLN E 178 -38.80 7.04 10.26
N PRO E 179 -38.95 6.31 9.16
CA PRO E 179 -37.87 6.33 8.14
C PRO E 179 -37.56 7.72 7.60
N ALA E 180 -38.57 8.54 7.31
CA ALA E 180 -38.31 9.87 6.77
C ALA E 180 -37.56 10.75 7.76
N LEU E 181 -37.80 10.56 9.06
CA LEU E 181 -37.18 11.39 10.09
C LEU E 181 -35.77 10.90 10.38
N ASN E 182 -34.85 11.86 10.55
CA ASN E 182 -33.55 11.57 11.15
C ASN E 182 -33.24 12.70 12.13
N ASP E 183 -32.73 12.39 13.32
CA ASP E 183 -32.48 11.03 13.79
C ASP E 183 -33.80 10.36 14.13
N SER E 184 -33.82 9.03 14.04
CA SER E 184 -35.00 8.26 14.39
C SER E 184 -34.60 7.06 15.22
N ARG E 185 -35.56 6.51 15.95
CA ARG E 185 -35.32 5.34 16.76
C ARG E 185 -35.47 4.07 15.93
N TYR E 186 -34.82 3.00 16.41
CA TYR E 186 -34.73 1.75 15.68
C TYR E 186 -35.42 0.63 16.44
N ALA E 187 -35.73 -0.44 15.70
CA ALA E 187 -36.28 -1.66 16.27
C ALA E 187 -35.52 -2.85 15.68
N LEU E 188 -35.53 -3.94 16.44
CA LEU E 188 -34.80 -5.16 16.08
C LEU E 188 -35.57 -6.33 16.61
N SER E 189 -35.65 -7.41 15.82
CA SER E 189 -36.39 -8.61 16.19
C SER E 189 -35.51 -9.84 16.06
N SER E 190 -35.83 -10.85 16.84
CA SER E 190 -35.08 -12.11 16.82
C SER E 190 -36.01 -13.25 17.20
N ARG E 191 -35.70 -14.44 16.70
CA ARG E 191 -36.53 -15.61 16.95
C ARG E 191 -35.65 -16.74 17.48
N LEU E 192 -36.20 -17.49 18.42
CA LEU E 192 -35.61 -18.74 18.91
C LEU E 192 -36.65 -19.84 18.79
N ARG E 193 -36.29 -20.93 18.11
CA ARG E 193 -37.20 -22.04 17.89
C ARG E 193 -36.67 -23.27 18.61
N VAL E 194 -37.57 -23.94 19.34
CA VAL E 194 -37.24 -25.14 20.09
C VAL E 194 -38.34 -26.18 19.88
N SER E 195 -38.01 -27.42 20.24
CA SER E 195 -39.02 -28.47 20.27
C SER E 195 -40.19 -28.07 21.17
N ALA E 196 -41.37 -28.60 20.84
CA ALA E 196 -42.54 -28.37 21.69
C ALA E 196 -42.33 -28.98 23.07
N THR E 197 -41.81 -30.21 23.13
CA THR E 197 -41.57 -30.84 24.43
C THR E 197 -40.60 -30.01 25.26
N PHE E 198 -39.61 -29.38 24.62
CA PHE E 198 -38.66 -28.56 25.36
C PHE E 198 -39.33 -27.31 25.92
N TRP E 199 -40.23 -26.69 25.15
CA TRP E 199 -40.95 -25.51 25.64
C TRP E 199 -41.96 -25.89 26.72
N GLN E 200 -42.49 -27.09 26.68
CA GLN E 200 -43.51 -27.52 27.62
C GLN E 200 -42.93 -27.94 28.97
N ASN E 201 -41.62 -27.84 29.17
CA ASN E 201 -41.00 -28.20 30.44
C ASN E 201 -40.86 -26.96 31.31
N PRO E 202 -41.58 -26.85 32.43
CA PRO E 202 -41.50 -25.63 33.25
C PRO E 202 -40.15 -25.40 33.91
N ARG E 203 -39.23 -26.36 33.83
CA ARG E 203 -37.88 -26.16 34.35
C ARG E 203 -37.01 -25.32 33.41
N ASN E 204 -37.43 -25.13 32.17
CA ASN E 204 -36.60 -24.43 31.19
C ASN E 204 -36.89 -22.93 31.21
N HIS E 205 -35.81 -22.14 31.21
CA HIS E 205 -35.86 -20.69 31.32
C HIS E 205 -35.28 -20.08 30.04
N PHE E 206 -36.03 -19.15 29.43
CA PHE E 206 -35.63 -18.48 28.21
C PHE E 206 -35.50 -16.98 28.47
N ARG E 207 -34.44 -16.37 27.94
CA ARG E 207 -34.18 -14.96 28.18
C ARG E 207 -33.60 -14.30 26.93
N CYS E 208 -34.18 -13.16 26.57
CA CYS E 208 -33.66 -12.31 25.52
C CYS E 208 -32.92 -11.13 26.16
N GLN E 209 -31.68 -10.92 25.73
CA GLN E 209 -30.77 -9.95 26.34
C GLN E 209 -30.26 -9.02 25.26
N VAL E 210 -30.46 -7.72 25.45
CA VAL E 210 -29.99 -6.70 24.53
C VAL E 210 -28.97 -5.84 25.27
N GLN E 211 -27.71 -5.90 24.83
CA GLN E 211 -26.69 -4.97 25.29
C GLN E 211 -26.79 -3.68 24.48
N PHE E 212 -26.98 -2.56 25.16
CA PHE E 212 -27.15 -1.27 24.50
C PHE E 212 -25.96 -0.38 24.84
N TYR E 213 -25.41 0.27 23.81
CA TYR E 213 -24.29 1.18 23.97
C TYR E 213 -24.79 2.60 23.79
N GLY E 214 -24.73 3.39 24.87
CA GLY E 214 -25.22 4.75 24.85
C GLY E 214 -24.29 5.74 25.53
N LEU E 215 -24.82 6.50 26.49
CA LEU E 215 -24.06 7.57 27.11
C LEU E 215 -23.11 7.02 28.18
N SER E 216 -22.09 7.81 28.47
CA SER E 216 -21.10 7.51 29.49
C SER E 216 -21.25 8.48 30.66
N GLU E 217 -20.27 8.48 31.55
CA GLU E 217 -20.32 9.37 32.72
C GLU E 217 -20.02 10.81 32.33
N ASN E 218 -19.14 11.03 31.35
CA ASN E 218 -18.76 12.40 30.99
C ASN E 218 -19.94 13.19 30.45
N ASP E 219 -20.89 12.52 29.79
CA ASP E 219 -22.03 13.23 29.21
C ASP E 219 -22.89 13.85 30.31
N GLU E 220 -23.34 15.08 30.07
CA GLU E 220 -24.21 15.79 31.00
C GLU E 220 -25.67 15.51 30.67
N TRP E 221 -26.48 15.31 31.71
CA TRP E 221 -27.88 14.94 31.55
C TRP E 221 -28.72 15.70 32.55
N THR E 222 -29.60 16.57 32.04
CA THR E 222 -30.52 17.33 32.86
C THR E 222 -31.96 16.94 32.62
N GLN E 223 -32.22 15.93 31.79
CA GLN E 223 -33.56 15.62 31.35
C GLN E 223 -34.37 14.96 32.46
N ASP E 224 -35.69 14.92 32.25
CA ASP E 224 -36.59 14.31 33.22
C ASP E 224 -36.33 12.81 33.37
N ARG E 225 -36.26 12.09 32.25
CA ARG E 225 -36.19 10.63 32.29
C ARG E 225 -34.80 10.15 32.72
N ALA E 226 -34.69 8.84 32.91
CA ALA E 226 -33.45 8.22 33.35
C ALA E 226 -32.35 8.38 32.30
N LYS E 227 -31.13 8.57 32.77
CA LYS E 227 -30.01 8.80 31.87
C LYS E 227 -29.81 7.57 30.99
N PRO E 228 -29.87 7.71 29.58
CA PRO E 228 -29.76 6.52 28.70
C PRO E 228 -28.31 6.07 28.52
N VAL E 229 -27.73 5.55 29.60
CA VAL E 229 -26.34 5.10 29.57
C VAL E 229 -26.26 3.69 29.00
N THR E 230 -25.04 3.22 28.75
CA THR E 230 -24.82 1.84 28.36
C THR E 230 -25.37 0.91 29.42
N GLN E 231 -26.11 -0.11 29.00
CA GLN E 231 -26.83 -0.97 29.93
C GLN E 231 -27.29 -2.21 29.19
N ILE E 232 -27.68 -3.22 29.97
CA ILE E 232 -28.31 -4.42 29.46
C ILE E 232 -29.79 -4.36 29.81
N VAL E 233 -30.64 -4.51 28.80
CA VAL E 233 -32.09 -4.61 28.99
C VAL E 233 -32.51 -5.99 28.51
N SER E 234 -33.34 -6.66 29.31
CA SER E 234 -33.64 -8.06 29.05
C SER E 234 -35.10 -8.35 29.37
N ALA E 235 -35.58 -9.45 28.79
CA ALA E 235 -36.91 -10.01 29.07
C ALA E 235 -36.80 -11.53 29.03
N GLU E 236 -37.71 -12.20 29.74
CA GLU E 236 -37.60 -13.63 29.96
C GLU E 236 -38.96 -14.29 29.93
N ALA E 237 -38.94 -15.61 29.73
CA ALA E 237 -40.16 -16.41 29.75
C ALA E 237 -39.79 -17.81 30.22
N TRP E 238 -40.77 -18.49 30.81
CA TRP E 238 -40.58 -19.83 31.33
C TRP E 238 -41.47 -20.81 30.56
N GLY E 239 -40.97 -22.02 30.38
CA GLY E 239 -41.76 -23.06 29.75
C GLY E 239 -43.06 -23.31 30.48
N ARG E 240 -44.02 -23.89 29.76
CA ARG E 240 -45.37 -24.08 30.26
C ARG E 240 -46.01 -25.28 29.56
N ALA E 241 -46.53 -26.22 30.35
CA ALA E 241 -47.16 -27.41 29.81
C ALA E 241 -48.45 -27.08 29.05
#